data_4Y95
#
_entry.id   4Y95
#
_cell.length_a   50.929
_cell.length_b   79.067
_cell.length_c   79.178
_cell.angle_alpha   90.730
_cell.angle_beta   89.900
_cell.angle_gamma   89.990
#
_symmetry.space_group_name_H-M   'P 1'
#
loop_
_entity.id
_entity.type
_entity.pdbx_description
1 polymer 'Non-specific protein-tyrosine kinase'
2 non-polymer 4-tert-butyl-N-[2-methyl-3-(4-methyl-6-{[4-(morpholin-4-ylcarbonyl)phenyl]amino}-5-oxo-4,5-dihydropyrazin-2-yl)phenyl]benzamide
3 non-polymer GLYCEROL
4 non-polymer BETA-MERCAPTOETHANOL
5 non-polymer 2-{2-[2-(2-{2-[2-(2-ETHOXY-ETHOXY)-ETHOXY]-ETHOXY}-ETHOXY)-ETHOXY]-ETHOXY}-ETHANOL
6 water water
#
_entity_poly.entity_id   1
_entity_poly.type   'polypeptide(L)'
_entity_poly.pdbx_seq_one_letter_code
;AWEIDPKDLTFLKELGTGQFGVVKYGKWRGQYDVAIKMIKEGSMSEDEFIEEAKVMMNLSHEKLVQLYGVCTKQRPIFII
TEYMANGCLLNYLREMRHRFQTQQLLEMCKDVCEAMEYLESKQFLHRDLAARNCLVNDQGVVKVSDFGMTRFVLDDEYTS
STGTKFPVKWASPEVLMYSKFSSKSDIWAFGVLMWEIYSLGKMPYERFTNSETAEHIAQGLRLPRPHLASERVYAIMYSC
WHEKADERPTFKILLSNILDVMDEES
;
_entity_poly.pdbx_strand_id   A,B,C,D
#
loop_
_chem_comp.id
_chem_comp.type
_chem_comp.name
_chem_comp.formula
746 non-polymer 4-tert-butyl-N-[2-methyl-3-(4-methyl-6-{[4-(morpholin-4-ylcarbonyl)phenyl]amino}-5-oxo-4,5-dihydropyrazin-2-yl)phenyl]benzamide 'C34 H37 N5 O4'
BME non-polymer BETA-MERCAPTOETHANOL 'C2 H6 O S'
GOL non-polymer GLYCEROL 'C3 H8 O3'
PE4 non-polymer 2-{2-[2-(2-{2-[2-(2-ETHOXY-ETHOXY)-ETHOXY]-ETHOXY}-ETHOXY)-ETHOXY]-ETHOXY}-ETHANOL 'C16 H34 O8'
#
# COMPACT_ATOMS: atom_id res chain seq x y z
N ALA A 1 -2.34 -10.63 -19.27
CA ALA A 1 -0.93 -11.01 -19.07
C ALA A 1 -0.25 -9.70 -18.90
N TRP A 2 0.22 -9.14 -20.02
CA TRP A 2 0.82 -7.84 -20.02
C TRP A 2 -0.36 -6.94 -19.73
N GLU A 3 -1.57 -7.35 -20.15
CA GLU A 3 -2.69 -6.45 -19.99
C GLU A 3 -3.03 -6.31 -18.51
N ILE A 4 -2.93 -5.08 -18.01
CA ILE A 4 -3.22 -4.81 -16.63
C ILE A 4 -4.62 -4.22 -16.53
N ASP A 5 -5.37 -4.67 -15.53
CA ASP A 5 -6.70 -4.15 -15.28
C ASP A 5 -6.56 -2.85 -14.51
N PRO A 6 -7.06 -1.73 -15.07
CA PRO A 6 -6.89 -0.45 -14.38
C PRO A 6 -7.57 -0.41 -13.01
N LYS A 7 -8.54 -1.31 -12.81
CA LYS A 7 -9.23 -1.42 -11.54
C LYS A 7 -8.27 -1.87 -10.45
N ASP A 8 -7.15 -2.46 -10.84
CA ASP A 8 -6.15 -2.89 -9.88
C ASP A 8 -5.15 -1.78 -9.54
N LEU A 9 -5.29 -0.61 -10.16
CA LEU A 9 -4.37 0.49 -9.90
C LEU A 9 -4.96 1.49 -8.94
N THR A 10 -4.11 1.96 -8.04
CA THR A 10 -4.37 3.07 -7.16
C THR A 10 -3.38 4.17 -7.50
N PHE A 11 -3.89 5.38 -7.65
CA PHE A 11 -3.06 6.51 -7.99
C PHE A 11 -2.79 7.32 -6.73
N LEU A 12 -1.52 7.36 -6.33
CA LEU A 12 -1.15 7.95 -5.03
C LEU A 12 -0.57 9.36 -5.14
N LYS A 13 0.40 9.57 -6.03
CA LYS A 13 1.08 10.86 -6.09
C LYS A 13 1.51 11.20 -7.52
N GLU A 14 1.50 12.49 -7.82
CA GLU A 14 1.93 12.96 -9.12
CA GLU A 14 1.93 12.86 -9.12
C GLU A 14 3.46 13.02 -9.12
N LEU A 15 4.07 12.49 -10.17
CA LEU A 15 5.54 12.48 -10.28
C LEU A 15 6.06 13.49 -11.28
N GLY A 16 5.16 14.13 -12.03
CA GLY A 16 5.53 15.13 -13.01
C GLY A 16 4.97 14.83 -14.37
N THR A 17 5.46 15.59 -15.34
CA THR A 17 4.99 15.51 -16.72
CA THR A 17 4.99 15.46 -16.72
C THR A 17 6.15 15.32 -17.68
N GLY A 18 5.97 14.48 -18.68
CA GLY A 18 6.96 14.28 -19.71
C GLY A 18 6.28 14.38 -21.06
N GLN A 19 6.94 13.86 -22.08
CA GLN A 19 6.53 14.02 -23.45
C GLN A 19 5.15 13.42 -23.71
N PHE A 20 4.78 12.43 -22.93
CA PHE A 20 3.47 11.79 -23.06
C PHE A 20 2.48 12.19 -21.96
N GLY A 21 2.78 13.26 -21.22
CA GLY A 21 1.86 13.76 -20.20
C GLY A 21 2.23 13.36 -18.80
N VAL A 22 1.20 13.20 -17.97
CA VAL A 22 1.39 13.02 -16.53
C VAL A 22 1.86 11.61 -16.22
N VAL A 23 2.72 11.52 -15.21
CA VAL A 23 3.17 10.24 -14.69
C VAL A 23 2.89 10.24 -13.20
N LYS A 24 2.37 9.13 -12.69
CA LYS A 24 2.02 9.02 -11.28
C LYS A 24 2.64 7.83 -10.61
N TYR A 25 2.85 7.98 -9.30
CA TYR A 25 3.24 6.87 -8.44
C TYR A 25 1.95 6.25 -7.92
N GLY A 26 1.93 4.93 -7.87
CA GLY A 26 0.77 4.24 -7.35
C GLY A 26 1.08 2.83 -6.92
N LYS A 27 0.01 2.10 -6.65
CA LYS A 27 0.11 0.73 -6.22
C LYS A 27 -0.69 -0.15 -7.16
N TRP A 28 -0.21 -1.35 -7.38
CA TRP A 28 -0.99 -2.37 -8.07
C TRP A 28 -1.51 -3.31 -7.01
N ARG A 29 -2.82 -3.54 -7.02
CA ARG A 29 -3.47 -4.33 -5.98
C ARG A 29 -3.06 -3.95 -4.57
N GLY A 30 -2.89 -2.66 -4.37
CA GLY A 30 -2.64 -2.07 -3.07
C GLY A 30 -1.37 -2.43 -2.41
N GLN A 31 -0.57 -3.27 -3.04
CA GLN A 31 0.67 -3.69 -2.43
C GLN A 31 1.95 -3.36 -3.15
N TYR A 32 1.93 -3.47 -4.47
CA TYR A 32 3.16 -3.32 -5.25
C TYR A 32 3.33 -1.89 -5.79
N ASP A 33 4.48 -1.27 -5.51
CA ASP A 33 4.78 0.06 -6.06
C ASP A 33 4.93 0.03 -7.56
N VAL A 34 4.35 1.01 -8.22
CA VAL A 34 4.46 1.16 -9.66
C VAL A 34 4.43 2.62 -10.06
N ALA A 35 4.83 2.89 -11.28
CA ALA A 35 4.77 4.20 -11.89
C ALA A 35 3.83 4.00 -13.06
N ILE A 36 2.98 4.97 -13.30
CA ILE A 36 1.95 4.87 -14.31
C ILE A 36 2.00 6.07 -15.21
N LYS A 37 2.26 5.86 -16.50
CA LYS A 37 2.23 6.95 -17.43
C LYS A 37 0.76 7.03 -17.85
N MET A 38 0.10 8.10 -17.71
CA MET A 38 -1.29 8.27 -18.09
C MET A 38 -1.18 9.04 -19.39
N ILE A 39 -1.09 8.35 -20.45
CA ILE A 39 -0.83 8.95 -21.74
C ILE A 39 -1.85 10.03 -22.09
N LYS A 40 -1.32 11.17 -22.53
CA LYS A 40 -2.12 12.30 -22.92
C LYS A 40 -2.66 12.11 -24.34
N GLU A 41 -3.95 12.40 -24.53
CA GLU A 41 -4.51 12.39 -25.88
C GLU A 41 -3.69 13.20 -26.84
N GLY A 42 -3.33 12.55 -27.95
CA GLY A 42 -2.62 13.19 -29.02
C GLY A 42 -1.09 13.15 -28.91
N SER A 43 -0.56 12.68 -27.78
CA SER A 43 0.88 12.76 -27.58
C SER A 43 1.64 11.56 -28.11
N MET A 44 0.95 10.45 -28.29
CA MET A 44 1.57 9.20 -28.70
C MET A 44 0.81 8.43 -29.76
N SER A 45 1.54 7.73 -30.61
CA SER A 45 0.94 6.86 -31.59
C SER A 45 0.80 5.57 -30.81
N GLU A 46 -0.36 5.38 -30.24
CA GLU A 46 -0.61 4.29 -29.31
C GLU A 46 -0.74 2.94 -30.00
N ASP A 47 -1.29 2.93 -31.20
CA ASP A 47 -1.51 1.65 -31.88
C ASP A 47 -0.21 0.90 -32.12
N GLU A 48 0.80 1.58 -32.65
CA GLU A 48 2.10 0.97 -32.85
C GLU A 48 2.78 0.63 -31.52
N PHE A 49 2.67 1.50 -30.54
CA PHE A 49 3.28 1.18 -29.25
C PHE A 49 2.71 -0.12 -28.68
N ILE A 50 1.41 -0.31 -28.74
CA ILE A 50 0.78 -1.49 -28.16
C ILE A 50 1.36 -2.75 -28.79
N GLU A 51 1.61 -2.72 -30.09
CA GLU A 51 2.20 -3.88 -30.73
C GLU A 51 3.64 -4.05 -30.30
N GLU A 52 4.37 -2.94 -30.22
CA GLU A 52 5.78 -3.03 -29.83
C GLU A 52 5.96 -3.37 -28.35
N ALA A 53 4.94 -3.09 -27.54
CA ALA A 53 4.99 -3.44 -26.11
C ALA A 53 5.13 -4.95 -25.95
N LYS A 54 4.66 -5.72 -26.92
CA LYS A 54 4.75 -7.16 -26.85
C LYS A 54 6.23 -7.62 -26.83
N VAL A 55 7.07 -6.93 -27.60
CA VAL A 55 8.52 -7.14 -27.59
C VAL A 55 9.14 -6.61 -26.32
N MET A 56 8.74 -5.39 -25.95
CA MET A 56 9.40 -4.73 -24.84
CA MET A 56 9.31 -4.68 -24.80
C MET A 56 9.12 -5.43 -23.51
N MET A 57 8.02 -6.19 -23.42
CA MET A 57 7.71 -6.99 -22.23
C MET A 57 8.77 -8.03 -21.97
N ASN A 58 9.50 -8.43 -23.00
CA ASN A 58 10.52 -9.44 -22.87
C ASN A 58 11.91 -8.86 -22.61
N LEU A 59 12.01 -7.54 -22.52
CA LEU A 59 13.27 -6.90 -22.14
C LEU A 59 13.35 -6.78 -20.63
N SER A 60 14.18 -7.61 -20.03
CA SER A 60 14.29 -7.67 -18.60
C SER A 60 15.74 -7.67 -18.19
N HIS A 61 16.15 -6.59 -17.57
CA HIS A 61 17.50 -6.49 -17.04
C HIS A 61 17.43 -5.63 -15.80
N GLU A 62 18.24 -5.94 -14.79
CA GLU A 62 18.10 -5.23 -13.54
C GLU A 62 18.43 -3.75 -13.60
N LYS A 63 19.08 -3.31 -14.68
CA LYS A 63 19.44 -1.90 -14.86
C LYS A 63 18.60 -1.21 -15.94
N LEU A 64 17.56 -1.91 -16.41
CA LEU A 64 16.52 -1.34 -17.27
C LEU A 64 15.29 -1.11 -16.43
N VAL A 65 14.63 0.04 -16.57
CA VAL A 65 13.39 0.24 -15.85
C VAL A 65 12.48 -0.83 -16.43
N GLN A 66 11.82 -1.57 -15.58
CA GLN A 66 10.99 -2.66 -16.04
C GLN A 66 9.58 -2.32 -16.44
N LEU A 67 9.21 -2.72 -17.65
CA LEU A 67 7.81 -2.60 -18.08
C LEU A 67 7.03 -3.72 -17.42
N TYR A 68 5.97 -3.35 -16.71
CA TYR A 68 5.12 -4.29 -16.01
C TYR A 68 3.91 -4.64 -16.88
N GLY A 69 3.40 -3.68 -17.63
CA GLY A 69 2.27 -3.93 -18.48
C GLY A 69 1.63 -2.67 -18.98
N VAL A 70 0.46 -2.84 -19.60
CA VAL A 70 -0.22 -1.77 -20.29
CA VAL A 70 -0.22 -1.76 -20.29
C VAL A 70 -1.71 -1.90 -20.08
N CYS A 71 -2.40 -0.79 -19.93
CA CYS A 71 -3.86 -0.80 -19.89
C CYS A 71 -4.35 -0.35 -21.25
N THR A 72 -4.88 -1.26 -22.05
CA THR A 72 -5.22 -0.94 -23.43
C THR A 72 -6.71 -1.04 -23.78
N LYS A 73 -7.53 -1.49 -22.84
CA LYS A 73 -8.96 -1.60 -23.11
C LYS A 73 -9.64 -0.31 -22.66
N GLN A 74 -9.00 0.77 -23.05
CA GLN A 74 -9.36 2.12 -22.66
C GLN A 74 -8.50 3.00 -23.48
N ARG A 75 -8.90 4.23 -23.71
CA ARG A 75 -8.02 5.11 -24.42
C ARG A 75 -8.15 6.52 -23.81
N PRO A 76 -7.04 7.23 -23.66
CA PRO A 76 -5.71 6.76 -24.01
C PRO A 76 -5.24 5.72 -22.99
N ILE A 77 -4.22 4.98 -23.37
CA ILE A 77 -3.67 3.92 -22.54
C ILE A 77 -2.86 4.40 -21.34
N PHE A 78 -2.57 3.43 -20.47
CA PHE A 78 -1.71 3.63 -19.33
C PHE A 78 -0.52 2.69 -19.54
N ILE A 79 0.69 3.14 -19.21
CA ILE A 79 1.89 2.31 -19.28
C ILE A 79 2.40 2.17 -17.83
N ILE A 80 2.53 0.93 -17.37
CA ILE A 80 2.87 0.65 -15.98
CA ILE A 80 2.86 0.62 -15.97
C ILE A 80 4.29 0.10 -15.90
N THR A 81 5.08 0.71 -15.04
CA THR A 81 6.48 0.34 -14.91
C THR A 81 6.94 0.32 -13.49
N GLU A 82 8.18 -0.11 -13.36
CA GLU A 82 8.88 -0.13 -12.09
C GLU A 82 8.93 1.32 -11.59
N TYR A 83 8.85 1.51 -10.28
CA TYR A 83 8.95 2.82 -9.66
C TYR A 83 10.38 3.11 -9.18
N MET A 84 10.88 4.30 -9.50
CA MET A 84 12.22 4.74 -9.14
C MET A 84 12.06 5.97 -8.23
N ALA A 85 12.29 5.75 -6.96
CA ALA A 85 12.06 6.74 -5.92
C ALA A 85 12.83 8.04 -5.99
N ASN A 86 14.02 8.00 -6.55
CA ASN A 86 14.84 9.19 -6.64
C ASN A 86 14.70 9.99 -7.92
N GLY A 87 13.83 9.55 -8.81
CA GLY A 87 13.55 10.33 -9.99
C GLY A 87 14.66 10.36 -10.99
N CYS A 88 14.71 11.43 -11.76
CA CYS A 88 15.59 11.62 -12.88
CA CYS A 88 15.62 11.40 -12.89
C CYS A 88 17.06 11.71 -12.47
N LEU A 89 17.95 11.00 -13.15
CA LEU A 89 19.37 11.07 -12.88
C LEU A 89 19.86 12.50 -12.99
N LEU A 90 19.37 13.25 -13.97
CA LEU A 90 19.88 14.60 -14.16
C LEU A 90 19.65 15.44 -12.91
N ASN A 91 18.44 15.41 -12.36
CA ASN A 91 18.15 16.16 -11.14
C ASN A 91 18.90 15.60 -9.93
N TYR A 92 19.06 14.28 -9.87
CA TYR A 92 19.77 13.62 -8.79
C TYR A 92 21.22 14.08 -8.72
N LEU A 93 21.87 14.17 -9.88
CA LEU A 93 23.24 14.66 -9.98
C LEU A 93 23.35 16.09 -9.48
N ARG A 94 22.42 16.93 -9.91
CA ARG A 94 22.44 18.35 -9.58
C ARG A 94 22.15 18.62 -8.11
N GLU A 95 21.40 17.72 -7.48
CA GLU A 95 21.07 17.87 -6.05
C GLU A 95 22.18 17.32 -5.16
N MET A 96 22.79 16.22 -5.58
CA MET A 96 23.83 15.51 -4.85
C MET A 96 25.24 15.84 -5.33
N ARG A 97 25.41 16.99 -5.94
CA ARG A 97 26.69 17.33 -6.53
C ARG A 97 27.93 17.21 -5.65
N HIS A 98 27.91 17.69 -4.44
CA HIS A 98 29.11 17.66 -3.61
C HIS A 98 29.17 16.43 -2.71
N ARG A 99 28.20 15.54 -2.88
CA ARG A 99 28.08 14.37 -2.01
C ARG A 99 28.61 13.08 -2.63
N PHE A 100 29.01 13.15 -3.91
CA PHE A 100 29.49 11.98 -4.63
C PHE A 100 31.00 11.81 -4.72
N GLN A 101 31.47 10.65 -4.31
CA GLN A 101 32.85 10.29 -4.45
C GLN A 101 33.00 9.88 -5.92
N THR A 102 34.18 10.01 -6.49
CA THR A 102 34.39 9.65 -7.90
C THR A 102 34.10 8.16 -8.16
N GLN A 103 34.34 7.31 -7.16
CA GLN A 103 34.03 5.88 -7.30
C GLN A 103 32.54 5.67 -7.51
N GLN A 104 31.74 6.50 -6.85
CA GLN A 104 30.29 6.46 -6.99
C GLN A 104 29.86 6.85 -8.41
N LEU A 105 30.52 7.88 -8.97
CA LEU A 105 30.19 8.35 -10.31
C LEU A 105 30.45 7.25 -11.33
N LEU A 106 31.57 6.52 -11.16
CA LEU A 106 31.87 5.47 -12.13
C LEU A 106 30.89 4.32 -12.01
N GLU A 107 30.44 4.00 -10.78
CA GLU A 107 29.48 2.91 -10.66
C GLU A 107 28.16 3.28 -11.34
N MET A 108 27.77 4.56 -11.31
CA MET A 108 26.58 5.00 -12.03
C MET A 108 26.75 4.79 -13.53
N CYS A 109 27.93 5.10 -14.04
CA CYS A 109 28.24 4.86 -15.45
C CYS A 109 28.15 3.37 -15.79
N LYS A 110 28.68 2.53 -14.90
CA LYS A 110 28.63 1.10 -15.05
C LYS A 110 27.18 0.60 -15.13
N ASP A 111 26.33 1.08 -14.23
CA ASP A 111 24.90 0.71 -14.21
C ASP A 111 24.28 0.92 -15.61
N VAL A 112 24.46 2.11 -16.16
CA VAL A 112 23.90 2.43 -17.46
C VAL A 112 24.53 1.56 -18.54
N CYS A 113 25.84 1.34 -18.46
CA CYS A 113 26.49 0.53 -19.48
C CYS A 113 26.00 -0.92 -19.46
N GLU A 114 25.69 -1.45 -18.28
CA GLU A 114 25.11 -2.81 -18.16
C GLU A 114 23.77 -2.90 -18.87
N ALA A 115 22.92 -1.90 -18.63
CA ALA A 115 21.63 -1.85 -19.33
C ALA A 115 21.80 -1.79 -20.82
N MET A 116 22.73 -0.95 -21.28
CA MET A 116 22.91 -0.76 -22.71
C MET A 116 23.58 -1.95 -23.38
N GLU A 117 24.47 -2.64 -22.68
CA GLU A 117 25.03 -3.87 -23.23
CA GLU A 117 25.02 -3.89 -23.18
C GLU A 117 23.90 -4.89 -23.43
N TYR A 118 22.95 -4.94 -22.50
CA TYR A 118 21.81 -5.83 -22.66
C TYR A 118 20.98 -5.44 -23.88
N LEU A 119 20.64 -4.17 -24.01
CA LEU A 119 19.88 -3.75 -25.18
C LEU A 119 20.63 -4.02 -26.47
N GLU A 120 21.94 -3.80 -26.48
CA GLU A 120 22.76 -4.08 -27.64
C GLU A 120 22.68 -5.56 -28.01
N SER A 121 22.69 -6.42 -27.00
CA SER A 121 22.63 -7.87 -27.24
C SER A 121 21.30 -8.27 -27.87
N LYS A 122 20.28 -7.43 -27.66
CA LYS A 122 18.94 -7.66 -28.22
C LYS A 122 18.69 -6.83 -29.48
N GLN A 123 19.72 -6.16 -29.99
CA GLN A 123 19.62 -5.33 -31.18
C GLN A 123 18.49 -4.31 -31.03
N PHE A 124 18.43 -3.71 -29.85
CA PHE A 124 17.36 -2.79 -29.50
C PHE A 124 17.96 -1.41 -29.22
N LEU A 125 17.54 -0.41 -29.99
CA LEU A 125 18.11 0.92 -29.85
C LEU A 125 17.34 1.75 -28.83
N HIS A 126 18.06 2.53 -28.05
CA HIS A 126 17.42 3.48 -27.18
C HIS A 126 16.86 4.66 -27.96
N ARG A 127 17.75 5.35 -28.68
CA ARG A 127 17.45 6.48 -29.57
C ARG A 127 17.36 7.86 -28.90
N ASP A 128 17.37 7.92 -27.57
CA ASP A 128 17.41 9.19 -26.84
C ASP A 128 18.06 8.94 -25.48
N LEU A 129 19.24 8.34 -25.50
CA LEU A 129 19.98 8.11 -24.27
C LEU A 129 20.61 9.42 -23.79
N ALA A 130 20.41 9.73 -22.51
CA ALA A 130 20.87 10.95 -21.88
C ALA A 130 20.53 10.83 -20.40
N ALA A 131 21.18 11.62 -19.54
CA ALA A 131 20.88 11.54 -18.12
C ALA A 131 19.41 11.81 -17.82
N ARG A 132 18.77 12.66 -18.60
CA ARG A 132 17.37 12.96 -18.36
C ARG A 132 16.48 11.73 -18.56
N ASN A 133 16.98 10.75 -19.28
CA ASN A 133 16.23 9.52 -19.55
C ASN A 133 16.71 8.32 -18.76
N CYS A 134 17.33 8.60 -17.63
CA CYS A 134 17.78 7.59 -16.69
C CYS A 134 17.10 7.95 -15.38
N LEU A 135 16.78 6.95 -14.59
CA LEU A 135 16.12 7.16 -13.31
C LEU A 135 16.95 6.52 -12.22
N VAL A 136 16.70 6.94 -10.98
CA VAL A 136 17.48 6.49 -9.82
C VAL A 136 16.52 5.95 -8.77
N ASN A 137 16.81 4.78 -8.22
CA ASN A 137 15.96 4.20 -7.19
C ASN A 137 16.49 4.46 -5.76
N ASP A 138 15.90 3.77 -4.80
CA ASP A 138 16.24 3.99 -3.40
C ASP A 138 17.53 3.33 -2.95
N GLN A 139 18.24 2.74 -3.89
CA GLN A 139 19.56 2.20 -3.63
C GLN A 139 20.62 3.10 -4.28
N GLY A 140 20.18 4.16 -4.95
CA GLY A 140 21.12 5.00 -5.66
C GLY A 140 21.52 4.34 -6.98
N VAL A 141 20.79 3.32 -7.38
CA VAL A 141 21.06 2.60 -8.63
C VAL A 141 20.44 3.34 -9.78
N VAL A 142 21.23 3.50 -10.85
CA VAL A 142 20.75 4.15 -12.06
C VAL A 142 20.21 3.11 -13.03
N LYS A 143 19.01 3.35 -13.55
CA LYS A 143 18.42 2.49 -14.57
C LYS A 143 17.98 3.30 -15.79
N VAL A 144 18.09 2.67 -16.94
CA VAL A 144 17.75 3.30 -18.21
C VAL A 144 16.25 3.22 -18.46
N SER A 145 15.68 4.35 -18.86
CA SER A 145 14.23 4.50 -19.03
C SER A 145 13.84 4.90 -20.44
N ASP A 146 12.64 4.49 -20.84
CA ASP A 146 12.02 4.95 -22.10
C ASP A 146 12.86 4.69 -23.33
N PHE A 147 13.56 3.57 -23.28
CA PHE A 147 14.27 3.03 -24.41
C PHE A 147 13.29 2.68 -25.54
N GLY A 148 13.60 3.14 -26.74
CA GLY A 148 12.82 2.86 -27.93
C GLY A 148 11.54 3.71 -28.05
N MET A 149 11.28 4.57 -27.08
CA MET A 149 10.00 5.24 -27.04
C MET A 149 9.91 6.45 -27.98
N THR A 150 11.05 6.93 -28.50
CA THR A 150 11.05 8.02 -29.45
C THR A 150 10.17 7.68 -30.65
N ARG A 151 10.08 6.39 -30.96
CA ARG A 151 9.34 5.92 -32.14
C ARG A 151 7.90 6.38 -32.11
N PHE A 152 7.34 6.58 -30.93
CA PHE A 152 5.89 6.78 -30.83
C PHE A 152 5.50 8.23 -30.54
N VAL A 153 6.47 9.12 -30.53
CA VAL A 153 6.21 10.54 -30.24
C VAL A 153 5.53 11.24 -31.41
N LEU A 154 4.40 11.89 -31.13
CA LEU A 154 3.75 12.80 -32.07
C LEU A 154 4.05 14.24 -31.65
N ASP A 155 5.17 14.76 -32.13
CA ASP A 155 5.61 16.11 -31.82
C ASP A 155 6.73 16.43 -32.80
N ASP A 156 6.41 17.24 -33.81
CA ASP A 156 7.36 17.52 -34.86
C ASP A 156 8.62 18.24 -34.36
N GLU A 157 8.49 18.99 -33.27
CA GLU A 157 9.63 19.73 -32.73
C GLU A 157 10.61 18.76 -32.09
N TYR A 158 10.14 17.56 -31.75
CA TYR A 158 11.00 16.55 -31.16
C TYR A 158 11.56 15.54 -32.16
N THR A 159 10.73 15.13 -33.11
CA THR A 159 11.08 14.06 -34.03
C THR A 159 11.96 14.53 -35.17
N SER A 160 11.85 15.81 -35.52
CA SER A 160 12.69 16.41 -36.56
C SER A 160 14.02 16.92 -36.00
N SER A 161 15.11 16.57 -36.66
CA SER A 161 16.44 17.01 -36.23
C SER A 161 16.59 18.53 -36.24
N THR A 162 15.71 19.23 -36.96
CA THR A 162 15.71 20.69 -36.98
C THR A 162 14.75 21.28 -35.96
N GLY A 163 14.06 20.42 -35.21
CA GLY A 163 13.11 20.90 -34.24
C GLY A 163 13.77 21.37 -32.97
N THR A 164 13.04 22.17 -32.19
CA THR A 164 13.57 22.79 -30.98
C THR A 164 13.76 21.79 -29.85
N LYS A 165 13.19 20.60 -29.99
CA LYS A 165 13.22 19.63 -28.92
C LYS A 165 14.11 18.43 -29.24
N PHE A 166 14.63 18.36 -30.47
CA PHE A 166 15.46 17.23 -30.87
C PHE A 166 16.75 17.24 -30.05
N PRO A 167 17.18 16.05 -29.57
CA PRO A 167 18.35 15.99 -28.69
C PRO A 167 19.68 16.10 -29.43
N VAL A 168 19.86 17.24 -30.07
CA VAL A 168 21.03 17.50 -30.90
C VAL A 168 22.35 17.27 -30.15
N LYS A 169 22.41 17.69 -28.89
CA LYS A 169 23.68 17.69 -28.18
C LYS A 169 24.11 16.30 -27.69
N TRP A 170 23.26 15.30 -27.92
CA TRP A 170 23.59 13.89 -27.64
C TRP A 170 23.72 13.07 -28.93
N ALA A 171 23.53 13.72 -30.08
CA ALA A 171 23.43 13.04 -31.36
C ALA A 171 24.77 12.93 -32.09
N SER A 172 25.06 11.73 -32.59
CA SER A 172 26.26 11.51 -33.37
C SER A 172 26.14 12.22 -34.72
N PRO A 173 27.29 12.43 -35.36
CA PRO A 173 27.28 13.15 -36.65
C PRO A 173 26.38 12.47 -37.69
N GLU A 174 26.36 11.15 -37.75
CA GLU A 174 25.57 10.46 -38.77
C GLU A 174 24.08 10.54 -38.46
N VAL A 175 23.71 10.71 -37.19
CA VAL A 175 22.31 11.01 -36.89
C VAL A 175 21.97 12.38 -37.39
N LEU A 176 22.83 13.36 -37.15
CA LEU A 176 22.49 14.73 -37.52
C LEU A 176 22.51 14.90 -39.05
N MET A 177 23.41 14.20 -39.73
CA MET A 177 23.54 14.36 -41.18
C MET A 177 22.56 13.51 -41.97
N TYR A 178 22.35 12.27 -41.51
CA TYR A 178 21.61 11.27 -42.28
C TYR A 178 20.48 10.56 -41.55
N SER A 179 20.21 10.92 -40.30
CA SER A 179 19.22 10.23 -39.49
C SER A 179 19.52 8.73 -39.42
N LYS A 180 20.80 8.40 -39.35
CA LYS A 180 21.28 7.03 -39.29
C LYS A 180 21.46 6.55 -37.85
N PHE A 181 20.43 5.91 -37.29
CA PHE A 181 20.48 5.37 -35.94
C PHE A 181 21.01 3.94 -35.91
N SER A 182 21.80 3.63 -34.90
CA SER A 182 22.36 2.30 -34.72
C SER A 182 22.85 2.16 -33.28
N SER A 183 23.35 0.99 -32.88
CA SER A 183 23.88 0.90 -31.53
CA SER A 183 23.98 0.82 -31.58
C SER A 183 25.07 1.87 -31.43
N LYS A 184 25.73 2.19 -32.54
CA LYS A 184 26.84 3.15 -32.50
C LYS A 184 26.40 4.61 -32.24
N SER A 185 25.17 5.00 -32.58
CA SER A 185 24.69 6.32 -32.18
C SER A 185 24.29 6.27 -30.70
N ASP A 186 23.77 5.14 -30.23
CA ASP A 186 23.58 5.00 -28.77
C ASP A 186 24.92 5.09 -28.02
N ILE A 187 26.00 4.55 -28.61
CA ILE A 187 27.31 4.62 -27.97
C ILE A 187 27.74 6.07 -27.84
N TRP A 188 27.58 6.85 -28.90
CA TRP A 188 27.93 8.26 -28.85
C TRP A 188 27.20 8.96 -27.71
N ALA A 189 25.88 8.74 -27.64
CA ALA A 189 25.09 9.37 -26.60
C ALA A 189 25.53 8.94 -25.20
N PHE A 190 25.90 7.66 -25.06
CA PHE A 190 26.39 7.18 -23.77
C PHE A 190 27.64 7.94 -23.31
N GLY A 191 28.51 8.27 -24.26
CA GLY A 191 29.68 9.04 -23.91
C GLY A 191 29.28 10.39 -23.36
N VAL A 192 28.29 11.02 -24.00
CA VAL A 192 27.81 12.30 -23.51
C VAL A 192 27.17 12.14 -22.12
N LEU A 193 26.42 11.05 -21.91
CA LEU A 193 25.83 10.75 -20.61
C LEU A 193 26.92 10.59 -19.53
N MET A 194 28.02 9.89 -19.84
CA MET A 194 29.12 9.77 -18.90
C MET A 194 29.66 11.15 -18.54
N TRP A 195 29.77 12.02 -19.54
CA TRP A 195 30.19 13.40 -19.33
C TRP A 195 29.21 14.13 -18.42
N GLU A 196 27.91 13.92 -18.62
CA GLU A 196 26.94 14.53 -17.74
C GLU A 196 27.14 14.08 -16.30
N ILE A 197 27.38 12.79 -16.09
CA ILE A 197 27.57 12.26 -14.75
C ILE A 197 28.79 12.90 -14.09
N TYR A 198 29.91 12.92 -14.80
CA TYR A 198 31.13 13.43 -14.20
C TYR A 198 31.14 14.97 -14.06
N SER A 199 30.26 15.62 -14.79
CA SER A 199 30.02 17.06 -14.67
CA SER A 199 30.06 17.07 -14.64
C SER A 199 28.91 17.39 -13.70
N LEU A 200 28.39 16.39 -12.99
CA LEU A 200 27.31 16.57 -12.01
C LEU A 200 26.11 17.31 -12.61
N GLY A 201 25.79 16.95 -13.84
CA GLY A 201 24.55 17.38 -14.46
C GLY A 201 24.64 18.66 -15.25
N LYS A 202 25.85 19.13 -15.54
CA LYS A 202 25.99 20.28 -16.44
C LYS A 202 25.44 19.94 -17.82
N MET A 203 24.85 20.93 -18.48
CA MET A 203 24.46 20.75 -19.87
C MET A 203 25.68 20.68 -20.78
N PRO A 204 25.75 19.64 -21.65
CA PRO A 204 26.84 19.63 -22.63
C PRO A 204 26.71 20.76 -23.63
N TYR A 205 27.84 21.31 -24.06
CA TYR A 205 27.86 22.39 -25.05
CA TYR A 205 27.82 22.36 -25.06
C TYR A 205 26.86 23.48 -24.66
N GLU A 206 26.87 23.86 -23.38
CA GLU A 206 25.90 24.81 -22.87
C GLU A 206 25.97 26.17 -23.61
N ARG A 207 27.16 26.58 -23.98
CA ARG A 207 27.37 27.86 -24.67
C ARG A 207 26.93 27.89 -26.12
N PHE A 208 26.68 26.71 -26.70
CA PHE A 208 26.31 26.59 -28.10
C PHE A 208 24.86 26.35 -28.43
N THR A 209 24.47 26.84 -29.59
CA THR A 209 23.17 26.60 -30.15
C THR A 209 23.27 25.22 -30.76
N ASN A 210 22.16 24.62 -31.12
CA ASN A 210 22.17 23.29 -31.73
C ASN A 210 22.94 23.27 -33.03
N SER A 211 22.82 24.33 -33.82
CA SER A 211 23.50 24.38 -35.10
C SER A 211 25.01 24.56 -34.87
N GLU A 212 25.38 25.34 -33.86
CA GLU A 212 26.79 25.51 -33.51
C GLU A 212 27.39 24.17 -33.03
N THR A 213 26.60 23.42 -32.27
CA THR A 213 27.04 22.09 -31.83
C THR A 213 27.26 21.13 -33.01
N ALA A 214 26.32 21.10 -33.94
CA ALA A 214 26.45 20.23 -35.11
C ALA A 214 27.71 20.55 -35.88
N GLU A 215 27.97 21.85 -36.06
CA GLU A 215 29.19 22.37 -36.70
CA GLU A 215 29.17 22.26 -36.77
C GLU A 215 30.43 21.88 -35.97
N HIS A 216 30.40 22.06 -34.67
CA HIS A 216 31.50 21.75 -33.76
C HIS A 216 31.89 20.27 -33.89
N ILE A 217 30.92 19.38 -33.76
CA ILE A 217 31.26 17.97 -33.81
C ILE A 217 31.65 17.55 -35.23
N ALA A 218 31.13 18.23 -36.24
CA ALA A 218 31.49 17.89 -37.60
C ALA A 218 32.97 18.14 -37.89
N GLN A 219 33.52 19.16 -37.25
CA GLN A 219 34.93 19.53 -37.38
C GLN A 219 35.86 18.71 -36.50
N GLY A 220 35.34 17.75 -35.74
CA GLY A 220 36.18 16.89 -34.96
C GLY A 220 36.35 17.34 -33.53
N LEU A 221 35.61 18.35 -33.13
CA LEU A 221 35.67 18.90 -31.78
C LEU A 221 34.73 18.13 -30.86
N ARG A 222 35.07 18.08 -29.59
CA ARG A 222 34.34 17.30 -28.60
C ARG A 222 34.14 18.02 -27.28
N LEU A 223 33.77 17.28 -26.25
CA LEU A 223 33.60 17.83 -24.91
C LEU A 223 34.89 17.73 -24.15
N PRO A 224 35.14 18.70 -23.27
CA PRO A 224 36.33 18.68 -22.44
C PRO A 224 36.25 17.70 -21.29
N ARG A 225 37.38 17.45 -20.64
CA ARG A 225 37.39 16.54 -19.50
C ARG A 225 36.87 17.19 -18.22
N PRO A 226 35.79 16.65 -17.63
CA PRO A 226 35.38 17.13 -16.31
C PRO A 226 36.49 16.82 -15.32
N HIS A 227 36.78 17.70 -14.38
CA HIS A 227 37.99 17.43 -13.58
C HIS A 227 37.83 16.23 -12.66
N LEU A 228 36.58 15.87 -12.33
CA LEU A 228 36.37 14.71 -11.48
C LEU A 228 36.65 13.40 -12.23
N ALA A 229 36.78 13.48 -13.56
CA ALA A 229 37.13 12.31 -14.36
C ALA A 229 38.64 12.25 -14.55
N SER A 230 39.22 11.12 -14.16
CA SER A 230 40.61 10.84 -14.49
C SER A 230 40.80 10.68 -15.99
N GLU A 231 42.04 10.68 -16.46
CA GLU A 231 42.25 10.43 -17.88
C GLU A 231 41.72 9.05 -18.28
N ARG A 232 41.78 8.08 -17.39
CA ARG A 232 41.26 6.75 -17.70
C ARG A 232 39.76 6.75 -17.94
N VAL A 233 39.05 7.49 -17.10
CA VAL A 233 37.61 7.64 -17.24
C VAL A 233 37.30 8.45 -18.49
N TYR A 234 38.00 9.56 -18.66
CA TYR A 234 37.77 10.39 -19.85
C TYR A 234 38.03 9.62 -21.15
N ALA A 235 39.04 8.77 -21.15
CA ALA A 235 39.34 7.96 -22.32
C ALA A 235 38.14 7.11 -22.74
N ILE A 236 37.40 6.59 -21.75
CA ILE A 236 36.22 5.78 -22.04
C ILE A 236 35.13 6.63 -22.70
N MET A 237 34.78 7.76 -22.11
CA MET A 237 33.72 8.55 -22.72
C MET A 237 34.19 9.07 -24.10
N TYR A 238 35.47 9.44 -24.21
CA TYR A 238 35.97 10.01 -25.45
C TYR A 238 35.93 8.99 -26.56
N SER A 239 36.17 7.71 -26.22
CA SER A 239 36.19 6.67 -27.25
C SER A 239 34.84 6.50 -27.92
N CYS A 240 33.80 6.98 -27.25
CA CYS A 240 32.46 6.88 -27.78
C CYS A 240 32.20 7.83 -28.92
N TRP A 241 33.13 8.77 -29.13
CA TRP A 241 32.88 9.88 -30.06
C TRP A 241 33.75 9.79 -31.31
N HIS A 242 34.20 8.58 -31.67
CA HIS A 242 34.90 8.44 -32.95
C HIS A 242 34.03 8.96 -34.08
N GLU A 243 34.64 9.68 -35.00
CA GLU A 243 33.91 10.17 -36.15
C GLU A 243 33.22 9.02 -36.89
N LYS A 244 33.99 7.95 -37.12
CA LYS A 244 33.49 6.78 -37.81
C LYS A 244 32.76 5.87 -36.85
N ALA A 245 31.47 5.67 -37.08
CA ALA A 245 30.64 4.85 -36.20
C ALA A 245 31.23 3.47 -35.97
N ASP A 246 31.74 2.83 -37.03
CA ASP A 246 32.26 1.48 -36.85
C ASP A 246 33.54 1.40 -36.01
N GLU A 247 34.16 2.54 -35.71
CA GLU A 247 35.35 2.55 -34.85
C GLU A 247 35.02 2.83 -33.38
N ARG A 248 33.75 3.03 -33.11
CA ARG A 248 33.31 3.21 -31.76
C ARG A 248 33.20 1.82 -31.15
N PRO A 249 33.50 1.73 -29.87
CA PRO A 249 33.45 0.46 -29.17
C PRO A 249 32.02 0.02 -28.97
N THR A 250 31.83 -1.24 -28.61
CA THR A 250 30.54 -1.78 -28.30
C THR A 250 30.32 -1.56 -26.82
N PHE A 251 29.08 -1.63 -26.36
CA PHE A 251 28.82 -1.55 -24.92
C PHE A 251 29.48 -2.68 -24.12
N LYS A 252 29.67 -3.85 -24.74
CA LYS A 252 30.38 -4.94 -24.10
C LYS A 252 31.82 -4.52 -23.79
N ILE A 253 32.46 -3.90 -24.78
CA ILE A 253 33.82 -3.42 -24.61
C ILE A 253 33.85 -2.27 -23.61
N LEU A 254 32.91 -1.33 -23.72
CA LEU A 254 32.89 -0.24 -22.74
C LEU A 254 32.73 -0.75 -21.31
N LEU A 255 31.88 -1.76 -21.11
CA LEU A 255 31.68 -2.25 -19.76
C LEU A 255 32.97 -2.84 -19.19
N SER A 256 33.68 -3.62 -20.01
CA SER A 256 34.95 -4.17 -19.60
C SER A 256 35.93 -3.07 -19.23
N ASN A 257 35.95 -2.02 -20.04
CA ASN A 257 36.81 -0.87 -19.75
C ASN A 257 36.48 -0.18 -18.42
N ILE A 258 35.19 0.03 -18.18
CA ILE A 258 34.73 0.63 -16.95
C ILE A 258 35.12 -0.24 -15.75
N LEU A 259 34.91 -1.55 -15.86
CA LEU A 259 35.25 -2.42 -14.74
C LEU A 259 36.77 -2.42 -14.49
N ASP A 260 37.56 -2.34 -15.56
CA ASP A 260 39.03 -2.22 -15.39
C ASP A 260 39.34 -1.00 -14.55
N VAL A 261 38.77 0.14 -14.90
CA VAL A 261 39.07 1.35 -14.18
C VAL A 261 38.53 1.33 -12.76
N MET A 262 37.39 0.70 -12.53
CA MET A 262 36.85 0.59 -11.17
C MET A 262 37.87 -0.15 -10.28
N ASP A 263 38.52 -1.17 -10.84
CA ASP A 263 39.55 -1.91 -10.09
C ASP A 263 40.77 -1.04 -9.83
N GLU A 264 41.18 -0.33 -10.83
CA GLU A 264 42.35 0.53 -10.71
C GLU A 264 42.23 1.68 -9.75
N GLU A 265 41.08 2.29 -9.73
CA GLU A 265 40.87 3.50 -8.95
C GLU A 265 40.27 3.23 -7.57
N SER A 266 40.07 1.97 -7.24
CA SER A 266 39.53 1.54 -5.95
C SER A 266 39.27 0.04 -5.97
N ALA B 1 25.74 -19.55 1.37
CA ALA B 1 25.13 -18.71 0.35
C ALA B 1 24.03 -19.44 -0.40
N TRP B 2 22.79 -19.35 0.08
CA TRP B 2 21.68 -19.83 -0.71
C TRP B 2 21.38 -18.69 -1.67
N GLU B 3 21.72 -18.92 -2.92
CA GLU B 3 21.47 -17.93 -3.95
C GLU B 3 19.99 -17.83 -4.15
N ILE B 4 19.44 -16.64 -3.92
CA ILE B 4 18.04 -16.42 -4.09
C ILE B 4 17.83 -15.70 -5.40
N ASP B 5 16.84 -16.16 -6.15
CA ASP B 5 16.47 -15.53 -7.41
C ASP B 5 15.60 -14.32 -7.10
N PRO B 6 16.04 -13.12 -7.52
CA PRO B 6 15.22 -11.96 -7.19
C PRO B 6 13.82 -12.02 -7.80
N LYS B 7 13.61 -12.83 -8.84
CA LYS B 7 12.29 -13.02 -9.42
C LYS B 7 11.35 -13.75 -8.44
N ASP B 8 11.94 -14.39 -7.43
CA ASP B 8 11.19 -15.11 -6.43
C ASP B 8 10.83 -14.21 -5.26
N LEU B 9 11.19 -12.93 -5.36
CA LEU B 9 10.89 -11.97 -4.33
C LEU B 9 9.85 -10.95 -4.72
N THR B 10 9.04 -10.55 -3.75
CA THR B 10 8.05 -9.51 -3.94
C THR B 10 8.31 -8.49 -2.86
N PHE B 11 8.12 -7.22 -3.16
CA PHE B 11 8.36 -6.16 -2.19
C PHE B 11 7.06 -5.49 -1.83
N LEU B 12 6.68 -5.63 -0.58
CA LEU B 12 5.40 -5.15 -0.09
C LEU B 12 5.33 -3.98 0.87
N LYS B 13 6.32 -3.81 1.73
CA LYS B 13 6.28 -2.69 2.66
C LYS B 13 7.68 -2.16 2.99
N GLU B 14 7.78 -0.85 3.21
CA GLU B 14 9.02 -0.21 3.63
C GLU B 14 9.24 -0.45 5.11
N LEU B 15 10.45 -0.85 5.50
CA LEU B 15 10.78 -1.06 6.92
C LEU B 15 11.73 -0.04 7.50
N GLY B 16 12.25 0.86 6.67
CA GLY B 16 13.13 1.90 7.15
C GLY B 16 14.48 1.83 6.46
N THR B 17 15.41 2.62 7.00
CA THR B 17 16.75 2.78 6.46
C THR B 17 17.78 2.54 7.55
N GLY B 18 18.83 1.81 7.20
CA GLY B 18 19.95 1.59 8.06
C GLY B 18 21.24 1.90 7.31
N GLN B 19 22.34 1.39 7.88
CA GLN B 19 23.67 1.75 7.42
C GLN B 19 23.95 1.31 5.99
N PHE B 20 23.21 0.30 5.51
CA PHE B 20 23.35 -0.17 4.12
C PHE B 20 22.17 0.23 3.25
N GLY B 21 21.36 1.18 3.70
CA GLY B 21 20.25 1.70 2.91
C GLY B 21 18.90 1.14 3.32
N VAL B 22 18.00 1.04 2.38
CA VAL B 22 16.61 0.66 2.69
C VAL B 22 16.45 -0.81 2.91
N VAL B 23 15.49 -1.15 3.76
CA VAL B 23 15.11 -2.50 4.04
C VAL B 23 13.60 -2.59 3.85
N LYS B 24 13.16 -3.68 3.22
CA LYS B 24 11.76 -3.87 2.88
C LYS B 24 11.25 -5.22 3.35
N TYR B 25 9.94 -5.30 3.64
CA TYR B 25 9.26 -6.55 3.89
C TYR B 25 8.68 -7.09 2.59
N GLY B 26 8.77 -8.40 2.41
CA GLY B 26 8.17 -9.03 1.26
C GLY B 26 7.98 -10.51 1.42
N LYS B 27 7.69 -11.18 0.29
CA LYS B 27 7.52 -12.63 0.28
C LYS B 27 8.54 -13.29 -0.62
N TRP B 28 9.01 -14.47 -0.23
CA TRP B 28 9.83 -15.32 -1.06
C TRP B 28 9.00 -16.49 -1.57
N ARG B 29 9.03 -16.70 -2.89
CA ARG B 29 8.16 -17.67 -3.57
C ARG B 29 6.73 -17.54 -3.10
N GLY B 30 6.31 -16.29 -2.90
CA GLY B 30 4.93 -15.99 -2.56
C GLY B 30 4.46 -16.52 -1.22
N GLN B 31 5.30 -17.26 -0.50
CA GLN B 31 4.89 -17.99 0.70
CA GLN B 31 4.83 -17.91 0.72
C GLN B 31 5.58 -17.52 2.02
N TYR B 32 6.90 -17.41 1.99
CA TYR B 32 7.68 -17.07 3.20
C TYR B 32 7.90 -15.57 3.44
N ASP B 33 7.62 -15.11 4.65
CA ASP B 33 7.83 -13.71 5.00
C ASP B 33 9.32 -13.46 5.07
N VAL B 34 9.77 -12.35 4.50
CA VAL B 34 11.19 -12.03 4.54
C VAL B 34 11.43 -10.55 4.65
N ALA B 35 12.63 -10.23 5.10
CA ALA B 35 13.09 -8.87 5.18
C ALA B 35 14.18 -8.84 4.13
N ILE B 36 14.25 -7.75 3.37
CA ILE B 36 15.21 -7.66 2.26
C ILE B 36 16.02 -6.36 2.38
N LYS B 37 17.32 -6.46 2.55
CA LYS B 37 18.13 -5.27 2.57
C LYS B 37 18.43 -5.00 1.09
N MET B 38 18.04 -3.84 0.58
CA MET B 38 18.34 -3.52 -0.80
C MET B 38 19.53 -2.59 -0.64
N ILE B 39 20.71 -3.16 -0.80
CA ILE B 39 21.93 -2.45 -0.54
C ILE B 39 22.15 -1.22 -1.39
N LYS B 40 22.52 -0.14 -0.70
CA LYS B 40 22.82 1.12 -1.33
C LYS B 40 24.16 1.10 -2.03
N GLU B 41 24.22 1.60 -3.26
CA GLU B 41 25.51 1.75 -3.96
C GLU B 41 26.53 2.49 -3.15
N GLY B 42 27.70 1.88 -3.05
CA GLY B 42 28.85 2.45 -2.36
C GLY B 42 28.87 2.31 -0.87
N SER B 43 27.87 1.68 -0.28
CA SER B 43 27.81 1.55 1.15
C SER B 43 28.41 0.29 1.75
N MET B 44 28.65 -0.72 0.94
CA MET B 44 29.11 -2.00 1.44
C MET B 44 30.20 -2.71 0.66
N SER B 45 31.02 -3.45 1.39
CA SER B 45 32.04 -4.29 0.80
C SER B 45 31.28 -5.56 0.50
N GLU B 46 30.59 -5.55 -0.63
CA GLU B 46 29.72 -6.66 -1.05
C GLU B 46 30.39 -8.00 -1.37
N ASP B 47 31.53 -7.95 -2.05
CA ASP B 47 32.11 -9.22 -2.41
CA ASP B 47 32.19 -9.19 -2.43
C ASP B 47 32.66 -9.93 -1.19
N GLU B 48 33.23 -9.19 -0.25
CA GLU B 48 33.67 -9.78 1.00
C GLU B 48 32.50 -10.35 1.79
N PHE B 49 31.40 -9.59 1.83
CA PHE B 49 30.23 -10.06 2.54
C PHE B 49 29.72 -11.38 1.97
N ILE B 50 29.70 -11.49 0.64
CA ILE B 50 29.18 -12.69 0.01
C ILE B 50 29.97 -13.90 0.48
N GLU B 51 31.29 -13.78 0.62
CA GLU B 51 32.06 -14.92 1.14
C GLU B 51 31.83 -15.15 2.61
N GLU B 52 31.78 -14.09 3.40
CA GLU B 52 31.58 -14.25 4.83
C GLU B 52 30.17 -14.75 5.13
N ALA B 53 29.22 -14.50 4.22
CA ALA B 53 27.84 -14.96 4.38
C ALA B 53 27.78 -16.47 4.46
N LYS B 54 28.75 -17.13 3.87
CA LYS B 54 28.81 -18.58 3.89
C LYS B 54 28.99 -19.09 5.32
N VAL B 55 29.75 -18.37 6.12
CA VAL B 55 29.85 -18.68 7.54
C VAL B 55 28.56 -18.31 8.25
N MET B 56 28.05 -17.11 7.96
CA MET B 56 26.87 -16.64 8.67
C MET B 56 25.64 -17.53 8.45
N MET B 57 25.56 -18.17 7.29
CA MET B 57 24.42 -19.03 6.95
C MET B 57 24.31 -20.16 7.96
N ASN B 58 25.44 -20.55 8.53
CA ASN B 58 25.48 -21.66 9.48
C ASN B 58 25.37 -21.22 10.94
N LEU B 59 25.21 -19.93 11.19
CA LEU B 59 24.93 -19.43 12.52
C LEU B 59 23.44 -19.47 12.70
N SER B 60 22.95 -20.53 13.34
CA SER B 60 21.55 -20.74 13.42
C SER B 60 21.20 -20.95 14.88
N HIS B 61 20.50 -19.98 15.42
CA HIS B 61 20.02 -20.02 16.78
C HIS B 61 18.72 -19.30 16.79
N GLU B 62 17.78 -19.76 17.61
CA GLU B 62 16.43 -19.24 17.62
C GLU B 62 16.35 -17.76 17.98
N LYS B 63 17.39 -17.23 18.60
CA LYS B 63 17.41 -15.83 19.04
C LYS B 63 18.37 -14.98 18.21
N LEU B 64 18.88 -15.55 17.11
CA LEU B 64 19.61 -14.80 16.09
C LEU B 64 18.68 -14.62 14.89
N VAL B 65 18.60 -13.41 14.36
CA VAL B 65 17.86 -13.20 13.11
C VAL B 65 18.55 -14.05 12.03
N GLN B 66 17.80 -14.90 11.36
CA GLN B 66 18.42 -15.84 10.43
CA GLN B 66 18.33 -15.88 10.41
C GLN B 66 18.61 -15.25 9.04
N LEU B 67 19.80 -15.47 8.51
CA LEU B 67 20.15 -15.17 7.11
C LEU B 67 19.57 -16.28 6.25
N TYR B 68 18.74 -15.91 5.28
CA TYR B 68 18.13 -16.88 4.39
C TYR B 68 18.92 -17.00 3.09
N GLY B 69 19.51 -15.90 2.62
CA GLY B 69 20.27 -15.96 1.40
C GLY B 69 20.56 -14.59 0.85
N VAL B 70 21.09 -14.59 -0.37
CA VAL B 70 21.64 -13.40 -1.01
CA VAL B 70 21.62 -13.38 -1.00
C VAL B 70 21.32 -13.41 -2.50
N CYS B 71 21.00 -12.25 -3.07
CA CYS B 71 20.90 -12.11 -4.53
C CYS B 71 22.22 -11.55 -5.02
N THR B 72 23.02 -12.37 -5.68
CA THR B 72 24.40 -11.99 -6.02
C THR B 72 24.64 -11.92 -7.52
N LYS B 73 23.63 -12.21 -8.34
CA LYS B 73 23.81 -12.13 -9.79
C LYS B 73 23.37 -10.75 -10.29
N GLN B 74 23.73 -9.75 -9.51
CA GLN B 74 23.35 -8.35 -9.71
C GLN B 74 24.21 -7.56 -8.73
N ARG B 75 24.34 -6.25 -9.00
CA ARG B 75 24.97 -5.32 -8.07
C ARG B 75 24.16 -4.04 -8.05
N PRO B 76 23.91 -3.50 -6.84
CA PRO B 76 24.18 -4.09 -5.53
C PRO B 76 23.36 -5.33 -5.24
N ILE B 77 23.84 -6.10 -4.28
CA ILE B 77 23.17 -7.32 -3.86
C ILE B 77 21.97 -7.02 -2.97
N PHE B 78 21.17 -8.05 -2.73
CA PHE B 78 20.03 -8.00 -1.83
C PHE B 78 20.39 -9.01 -0.75
N ILE B 79 20.06 -8.72 0.51
CA ILE B 79 20.32 -9.65 1.61
C ILE B 79 18.97 -9.99 2.22
N ILE B 80 18.62 -11.26 2.15
CA ILE B 80 17.33 -11.76 2.61
C ILE B 80 17.43 -12.45 3.95
N THR B 81 16.58 -12.01 4.87
CA THR B 81 16.57 -12.54 6.21
C THR B 81 15.18 -12.76 6.75
N GLU B 82 15.18 -13.39 7.91
CA GLU B 82 13.98 -13.65 8.67
C GLU B 82 13.35 -12.28 8.94
N TYR B 83 12.02 -12.24 8.98
CA TYR B 83 11.29 -11.00 9.21
C TYR B 83 10.81 -10.92 10.65
N MET B 84 11.08 -9.79 11.29
CA MET B 84 10.68 -9.54 12.67
C MET B 84 9.62 -8.46 12.62
N ALA B 85 8.38 -8.88 12.85
CA ALA B 85 7.21 -8.03 12.70
C ALA B 85 7.11 -6.79 13.57
N ASN B 86 7.65 -6.84 14.77
CA ASN B 86 7.54 -5.69 15.68
C ASN B 86 8.75 -4.75 15.65
N GLY B 87 9.64 -5.00 14.71
CA GLY B 87 10.71 -4.07 14.43
C GLY B 87 11.78 -3.95 15.50
N CYS B 88 12.40 -2.77 15.51
CA CYS B 88 13.54 -2.45 16.35
C CYS B 88 13.19 -2.52 17.82
N LEU B 89 14.00 -3.22 18.61
CA LEU B 89 13.79 -3.26 20.05
C LEU B 89 13.73 -1.88 20.68
N LEU B 90 14.61 -0.97 20.23
CA LEU B 90 14.65 0.35 20.82
C LEU B 90 13.31 1.05 20.67
N ASN B 91 12.72 1.00 19.48
CA ASN B 91 11.41 1.61 19.29
C ASN B 91 10.33 0.90 20.05
N TYR B 92 10.43 -0.43 20.14
CA TYR B 92 9.43 -1.26 20.83
C TYR B 92 9.39 -0.89 22.30
N LEU B 93 10.57 -0.73 22.88
CA LEU B 93 10.67 -0.31 24.28
C LEU B 93 10.05 1.04 24.51
N ARG B 94 10.37 1.99 23.64
CA ARG B 94 9.90 3.36 23.80
C ARG B 94 8.39 3.46 23.59
N GLU B 95 7.81 2.57 22.77
CA GLU B 95 6.37 2.58 22.51
CA GLU B 95 6.36 2.60 22.52
C GLU B 95 5.55 1.83 23.57
N MET B 96 6.09 0.73 24.06
CA MET B 96 5.43 -0.17 25.02
C MET B 96 5.68 0.23 26.48
N ARG B 97 6.48 1.26 26.69
CA ARG B 97 6.98 1.64 28.02
C ARG B 97 6.12 1.44 29.27
N HIS B 98 4.80 1.61 29.16
CA HIS B 98 3.94 1.55 30.34
C HIS B 98 3.24 0.18 30.35
N ARG B 99 3.68 -0.74 29.49
CA ARG B 99 3.02 -2.03 29.36
CA ARG B 99 3.01 -2.03 29.35
C ARG B 99 3.89 -3.20 29.77
N PHE B 100 5.10 -2.93 30.24
CA PHE B 100 6.02 -4.00 30.58
C PHE B 100 6.13 -4.37 32.03
N GLN B 101 5.94 -5.64 32.32
CA GLN B 101 6.14 -6.17 33.64
C GLN B 101 7.65 -6.34 33.68
N THR B 102 8.28 -6.15 34.83
CA THR B 102 9.74 -6.27 34.94
C THR B 102 10.22 -7.68 34.55
N GLN B 103 9.38 -8.68 34.77
CA GLN B 103 9.71 -10.02 34.35
C GLN B 103 9.91 -10.09 32.83
N GLN B 104 9.14 -9.31 32.09
CA GLN B 104 9.24 -9.29 30.64
C GLN B 104 10.55 -8.62 30.21
N LEU B 105 10.97 -7.61 30.96
CA LEU B 105 12.25 -6.95 30.67
C LEU B 105 13.38 -7.94 30.85
N LEU B 106 13.33 -8.75 31.88
CA LEU B 106 14.42 -9.70 32.10
C LEU B 106 14.39 -10.78 31.03
N GLU B 107 13.21 -11.12 30.54
CA GLU B 107 13.08 -12.12 29.48
C GLU B 107 13.72 -11.62 28.19
N MET B 108 13.58 -10.33 27.92
CA MET B 108 14.24 -9.73 26.76
C MET B 108 15.77 -9.83 26.89
N CYS B 109 16.27 -9.57 28.09
CA CYS B 109 17.70 -9.71 28.36
C CYS B 109 18.14 -11.16 28.14
N LYS B 110 17.32 -12.09 28.61
CA LYS B 110 17.61 -13.51 28.43
C LYS B 110 17.68 -13.87 26.94
N ASP B 111 16.73 -13.38 26.16
CA ASP B 111 16.72 -13.66 24.71
C ASP B 111 18.04 -13.26 24.08
N VAL B 112 18.46 -12.03 24.33
CA VAL B 112 19.69 -11.52 23.77
C VAL B 112 20.91 -12.29 24.30
N CYS B 113 20.92 -12.61 25.59
CA CYS B 113 22.04 -13.33 26.16
C CYS B 113 22.18 -14.74 25.57
N GLU B 114 21.07 -15.40 25.27
CA GLU B 114 21.10 -16.71 24.64
C GLU B 114 21.77 -16.60 23.26
N ALA B 115 21.38 -15.59 22.49
CA ALA B 115 21.99 -15.38 21.18
C ALA B 115 23.49 -15.17 21.29
N MET B 116 23.87 -14.35 22.25
CA MET B 116 25.27 -13.98 22.38
C MET B 116 26.11 -15.10 22.96
N GLU B 117 25.52 -15.93 23.82
CA GLU B 117 26.24 -17.10 24.29
CA GLU B 117 26.20 -17.11 24.29
C GLU B 117 26.51 -18.03 23.10
N TYR B 118 25.57 -18.11 22.16
CA TYR B 118 25.77 -18.94 20.97
C TYR B 118 26.89 -18.40 20.13
N LEU B 119 26.86 -17.09 19.84
CA LEU B 119 27.96 -16.49 19.08
C LEU B 119 29.31 -16.64 19.78
N GLU B 120 29.34 -16.47 21.10
CA GLU B 120 30.58 -16.61 21.86
C GLU B 120 31.13 -18.03 21.68
N SER B 121 30.24 -19.01 21.68
CA SER B 121 30.63 -20.41 21.54
C SER B 121 31.21 -20.68 20.15
N LYS B 122 30.81 -19.86 19.18
CA LYS B 122 31.32 -19.97 17.81
C LYS B 122 32.45 -18.99 17.54
N GLN B 123 32.93 -18.32 18.58
CA GLN B 123 34.02 -17.34 18.52
C GLN B 123 33.75 -16.31 17.44
N PHE B 124 32.51 -15.82 17.46
CA PHE B 124 32.01 -14.88 16.46
C PHE B 124 31.58 -13.59 17.15
N LEU B 125 32.21 -12.47 16.78
CA LEU B 125 31.93 -11.18 17.45
C LEU B 125 30.78 -10.46 16.79
N HIS B 126 29.95 -9.84 17.59
CA HIS B 126 28.91 -8.99 17.04
C HIS B 126 29.50 -7.66 16.52
N ARG B 127 30.17 -6.94 17.42
CA ARG B 127 30.88 -5.70 17.14
C ARG B 127 30.04 -4.42 17.17
N ASP B 128 28.72 -4.56 17.30
CA ASP B 128 27.86 -3.40 17.46
C ASP B 128 26.56 -3.83 18.13
N LEU B 129 26.69 -4.45 19.28
CA LEU B 129 25.53 -4.89 20.05
C LEU B 129 24.93 -3.70 20.79
N ALA B 130 23.61 -3.54 20.66
CA ALA B 130 22.86 -2.42 21.20
C ALA B 130 21.40 -2.70 20.94
N ALA B 131 20.51 -2.03 21.67
CA ALA B 131 19.07 -2.28 21.43
C ALA B 131 18.64 -1.94 20.00
N ARG B 132 19.30 -0.98 19.37
CA ARG B 132 18.96 -0.59 18.01
C ARG B 132 19.22 -1.72 17.03
N ASN B 133 20.09 -2.64 17.42
CA ASN B 133 20.45 -3.78 16.57
C ASN B 133 19.79 -5.09 16.99
N CYS B 134 18.70 -4.96 17.73
CA CYS B 134 17.90 -6.09 18.16
C CYS B 134 16.51 -5.87 17.56
N LEU B 135 15.84 -6.95 17.22
CA LEU B 135 14.52 -6.89 16.60
C LEU B 135 13.53 -7.72 17.41
N VAL B 136 12.25 -7.48 17.18
CA VAL B 136 11.21 -8.12 18.00
C VAL B 136 10.20 -8.81 17.09
N ASN B 137 9.84 -10.05 17.42
CA ASN B 137 8.88 -10.77 16.58
C ASN B 137 7.44 -10.53 17.07
N ASP B 138 6.52 -11.25 16.46
CA ASP B 138 5.09 -11.05 16.72
CA ASP B 138 5.10 -11.08 16.71
C ASP B 138 4.69 -11.35 18.14
N GLN B 139 5.53 -12.11 18.83
CA GLN B 139 5.21 -12.56 20.18
C GLN B 139 5.92 -11.75 21.24
N GLY B 140 6.77 -10.80 20.85
CA GLY B 140 7.58 -10.06 21.80
C GLY B 140 8.94 -10.67 22.11
N VAL B 141 9.34 -11.68 21.35
CA VAL B 141 10.64 -12.32 21.49
C VAL B 141 11.67 -11.44 20.80
N VAL B 142 12.79 -11.23 21.48
CA VAL B 142 13.88 -10.42 20.96
C VAL B 142 14.93 -11.29 20.30
N LYS B 143 15.39 -10.86 19.11
CA LYS B 143 16.47 -11.53 18.42
C LYS B 143 17.53 -10.50 18.04
N VAL B 144 18.76 -10.99 17.98
CA VAL B 144 19.92 -10.16 17.67
C VAL B 144 20.15 -10.13 16.17
N SER B 145 20.37 -8.91 15.65
CA SER B 145 20.51 -8.66 14.20
C SER B 145 21.88 -8.08 13.85
N ASP B 146 22.30 -8.37 12.61
CA ASP B 146 23.48 -7.73 12.00
C ASP B 146 24.76 -7.93 12.77
N PHE B 147 24.88 -9.11 13.34
CA PHE B 147 26.12 -9.53 13.97
C PHE B 147 27.24 -9.64 12.93
N GLY B 148 28.40 -9.05 13.25
CA GLY B 148 29.57 -9.14 12.38
C GLY B 148 29.54 -8.23 11.17
N MET B 149 28.45 -7.47 11.01
CA MET B 149 28.27 -6.71 9.78
C MET B 149 29.08 -5.41 9.69
N THR B 150 29.63 -4.93 10.80
CA THR B 150 30.48 -3.73 10.74
C THR B 150 31.67 -3.90 9.77
N ARG B 151 32.12 -5.14 9.58
CA ARG B 151 33.23 -5.45 8.68
C ARG B 151 33.02 -4.97 7.26
N PHE B 152 31.75 -4.77 6.89
CA PHE B 152 31.41 -4.47 5.49
C PHE B 152 30.97 -3.05 5.27
N VAL B 153 31.04 -2.23 6.30
CA VAL B 153 30.63 -0.84 6.21
C VAL B 153 31.67 0.01 5.50
N LEU B 154 31.26 0.71 4.46
CA LEU B 154 32.08 1.74 3.80
C LEU B 154 31.51 3.11 4.15
N ASP B 155 31.96 3.64 5.26
CA ASP B 155 31.49 4.92 5.78
C ASP B 155 32.45 5.33 6.87
N ASP B 156 33.30 6.32 6.57
CA ASP B 156 34.32 6.74 7.51
C ASP B 156 33.69 7.30 8.78
N GLU B 157 32.48 7.85 8.67
CA GLU B 157 31.86 8.40 9.88
C GLU B 157 31.42 7.29 10.84
N TYR B 158 31.30 6.06 10.34
CA TYR B 158 30.91 4.95 11.20
C TYR B 158 32.14 4.17 11.66
N THR B 159 33.11 3.94 10.78
CA THR B 159 34.20 3.04 11.12
C THR B 159 35.28 3.69 11.99
N SER B 160 35.39 5.00 11.94
CA SER B 160 36.32 5.72 12.83
C SER B 160 35.67 6.03 14.18
N SER B 161 36.37 5.75 15.27
CA SER B 161 35.86 6.05 16.60
C SER B 161 35.58 7.52 16.84
N THR B 162 36.15 8.39 15.99
CA THR B 162 35.91 9.82 16.07
C THR B 162 34.79 10.27 15.14
N GLY B 163 34.20 9.33 14.41
CA GLY B 163 33.17 9.67 13.46
C GLY B 163 31.82 9.90 14.12
N THR B 164 30.92 10.56 13.40
CA THR B 164 29.62 10.95 13.94
CA THR B 164 29.63 10.94 13.95
C THR B 164 28.70 9.76 14.19
N LYS B 165 29.01 8.61 13.59
CA LYS B 165 28.10 7.47 13.64
C LYS B 165 28.62 6.30 14.49
N PHE B 166 29.87 6.39 14.97
CA PHE B 166 30.50 5.30 15.75
C PHE B 166 29.79 5.21 17.10
N PRO B 167 29.47 3.99 17.54
CA PRO B 167 28.70 3.77 18.78
C PRO B 167 29.54 3.87 20.05
N VAL B 168 30.06 5.07 20.29
CA VAL B 168 30.96 5.34 21.40
C VAL B 168 30.42 4.91 22.77
N LYS B 169 29.15 5.16 23.00
CA LYS B 169 28.60 4.97 24.34
C LYS B 169 28.24 3.52 24.66
N TRP B 170 28.46 2.62 23.70
CA TRP B 170 28.34 1.18 23.91
C TRP B 170 29.72 0.50 23.87
N ALA B 171 30.77 1.28 23.60
CA ALA B 171 32.09 0.74 23.34
C ALA B 171 32.93 0.64 24.60
N SER B 172 33.58 -0.49 24.81
CA SER B 172 34.45 -0.68 25.95
C SER B 172 35.68 0.21 25.79
N PRO B 173 36.36 0.49 26.92
CA PRO B 173 37.52 1.38 26.81
C PRO B 173 38.60 0.90 25.85
N GLU B 174 38.84 -0.40 25.82
CA GLU B 174 39.90 -0.92 24.95
C GLU B 174 39.54 -0.86 23.47
N VAL B 175 38.25 -0.85 23.16
CA VAL B 175 37.81 -0.59 21.81
C VAL B 175 38.11 0.88 21.42
N LEU B 176 37.78 1.81 22.30
CA LEU B 176 37.97 3.23 21.98
C LEU B 176 39.44 3.62 21.93
N MET B 177 40.24 3.03 22.81
CA MET B 177 41.66 3.38 22.90
C MET B 177 42.54 2.61 21.92
N TYR B 178 42.24 1.32 21.73
CA TYR B 178 43.13 0.42 20.98
C TYR B 178 42.45 -0.35 19.85
N SER B 179 41.15 -0.10 19.64
CA SER B 179 40.36 -0.86 18.66
C SER B 179 40.47 -2.37 18.89
N LYS B 180 40.54 -2.77 20.16
CA LYS B 180 40.65 -4.17 20.51
C LYS B 180 39.28 -4.78 20.75
N PHE B 181 38.72 -5.37 19.71
CA PHE B 181 37.43 -6.06 19.80
C PHE B 181 37.64 -7.50 20.24
N SER B 182 36.73 -7.99 21.08
CA SER B 182 36.78 -9.35 21.57
C SER B 182 35.41 -9.73 22.12
N SER B 183 35.23 -10.95 22.58
CA SER B 183 33.97 -11.33 23.20
CA SER B 183 33.92 -11.27 23.12
C SER B 183 33.69 -10.42 24.38
N LYS B 184 34.77 -9.95 25.02
CA LYS B 184 34.64 -9.06 26.18
C LYS B 184 34.18 -7.63 25.84
N SER B 185 34.41 -7.18 24.62
CA SER B 185 33.85 -5.90 24.22
C SER B 185 32.37 -6.11 23.91
N ASP B 186 32.01 -7.27 23.38
CA ASP B 186 30.58 -7.58 23.22
C ASP B 186 29.90 -7.62 24.58
N ILE B 187 30.58 -8.14 25.60
CA ILE B 187 30.02 -8.24 26.94
C ILE B 187 29.71 -6.84 27.47
N TRP B 188 30.66 -5.94 27.29
CA TRP B 188 30.50 -4.56 27.73
C TRP B 188 29.25 -3.96 27.10
N ALA B 189 29.13 -4.12 25.78
CA ALA B 189 27.98 -3.59 25.06
C ALA B 189 26.68 -4.22 25.52
N PHE B 190 26.72 -5.51 25.81
CA PHE B 190 25.54 -6.20 26.31
C PHE B 190 25.06 -5.59 27.63
N GLY B 191 25.99 -5.21 28.51
CA GLY B 191 25.60 -4.53 29.73
C GLY B 191 24.85 -3.25 29.45
N VAL B 192 25.34 -2.48 28.47
CA VAL B 192 24.65 -1.24 28.11
C VAL B 192 23.27 -1.58 27.55
N LEU B 193 23.18 -2.63 26.74
CA LEU B 193 21.90 -3.08 26.20
C LEU B 193 20.93 -3.46 27.30
N MET B 194 21.40 -4.17 28.32
CA MET B 194 20.52 -4.49 29.46
C MET B 194 19.98 -3.22 30.12
N TRP B 195 20.87 -2.23 30.24
CA TRP B 195 20.48 -0.94 30.78
C TRP B 195 19.42 -0.25 29.89
N GLU B 196 19.60 -0.30 28.58
CA GLU B 196 18.59 0.24 27.67
C GLU B 196 17.24 -0.42 27.88
N ILE B 197 17.24 -1.74 28.02
CA ILE B 197 15.99 -2.47 28.20
C ILE B 197 15.32 -2.03 29.49
N TYR B 198 16.06 -2.00 30.59
CA TYR B 198 15.42 -1.68 31.87
C TYR B 198 15.07 -0.22 32.01
N SER B 199 15.68 0.63 31.19
CA SER B 199 15.36 2.04 31.15
CA SER B 199 15.36 2.05 31.15
C SER B 199 14.34 2.36 30.05
N LEU B 200 13.75 1.33 29.46
CA LEU B 200 12.70 1.47 28.45
C LEU B 200 13.16 2.34 27.28
N GLY B 201 14.42 2.17 26.89
CA GLY B 201 14.92 2.79 25.68
C GLY B 201 15.57 4.15 25.83
N LYS B 202 15.90 4.50 27.07
CA LYS B 202 16.65 5.70 27.32
C LYS B 202 18.03 5.65 26.67
N MET B 203 18.51 6.81 26.20
CA MET B 203 19.88 6.94 25.69
CA MET B 203 19.88 6.95 25.69
C MET B 203 20.91 6.87 26.82
N PRO B 204 21.89 5.94 26.73
CA PRO B 204 22.91 5.95 27.76
C PRO B 204 23.82 7.18 27.70
N TYR B 205 24.22 7.69 28.88
CA TYR B 205 25.15 8.81 28.94
C TYR B 205 24.64 9.97 28.10
N GLU B 206 23.33 10.18 28.13
CA GLU B 206 22.71 11.14 27.24
C GLU B 206 23.26 12.56 27.38
N ARG B 207 23.48 12.99 28.61
CA ARG B 207 23.91 14.37 28.87
C ARG B 207 25.41 14.57 28.80
N PHE B 208 26.14 13.52 28.44
CA PHE B 208 27.59 13.58 28.36
C PHE B 208 28.11 13.64 26.94
N THR B 209 29.19 14.37 26.75
CA THR B 209 29.87 14.44 25.48
C THR B 209 30.69 13.15 25.48
N ASN B 210 31.27 12.79 24.36
CA ASN B 210 32.07 11.57 24.30
C ASN B 210 33.26 11.66 25.26
N SER B 211 33.87 12.83 25.37
CA SER B 211 35.01 12.99 26.26
C SER B 211 34.59 12.91 27.73
N GLU B 212 33.43 13.48 28.05
CA GLU B 212 32.90 13.40 29.40
C GLU B 212 32.55 11.97 29.76
N THR B 213 32.00 11.23 28.80
CA THR B 213 31.70 9.82 29.03
C THR B 213 32.96 9.03 29.36
N ALA B 214 34.03 9.26 28.60
CA ALA B 214 35.29 8.59 28.82
C ALA B 214 35.85 8.91 30.20
N GLU B 215 35.76 10.18 30.59
CA GLU B 215 36.25 10.60 31.92
C GLU B 215 35.44 9.97 33.05
N HIS B 216 34.15 9.93 32.84
CA HIS B 216 33.22 9.33 33.80
C HIS B 216 33.61 7.87 34.02
N ILE B 217 33.83 7.16 32.92
CA ILE B 217 34.13 5.75 33.00
C ILE B 217 35.52 5.54 33.60
N ALA B 218 36.45 6.42 33.28
CA ALA B 218 37.79 6.34 33.82
C ALA B 218 37.83 6.53 35.33
N GLN B 219 36.91 7.35 35.83
CA GLN B 219 36.80 7.58 37.27
C GLN B 219 36.28 6.35 37.99
N GLY B 220 35.65 5.46 37.24
CA GLY B 220 35.04 4.24 37.77
C GLY B 220 33.51 4.24 37.84
N LEU B 221 32.88 5.27 37.30
CA LEU B 221 31.42 5.34 37.28
C LEU B 221 30.91 4.77 35.99
N ARG B 222 29.64 4.42 36.01
CA ARG B 222 29.01 3.68 34.94
C ARG B 222 27.54 4.09 35.06
N LEU B 223 26.73 3.62 34.14
CA LEU B 223 25.30 3.86 34.19
C LEU B 223 24.56 3.61 35.50
N PRO B 224 23.58 4.45 35.81
CA PRO B 224 22.85 4.27 37.07
C PRO B 224 21.90 3.08 37.02
N ARG B 225 21.46 2.66 38.19
CA ARG B 225 20.51 1.57 38.28
C ARG B 225 19.16 2.08 37.81
N PRO B 226 18.63 1.47 36.75
CA PRO B 226 17.28 1.87 36.37
C PRO B 226 16.25 1.53 37.43
N HIS B 227 15.23 2.35 37.51
CA HIS B 227 14.22 2.21 38.53
C HIS B 227 13.56 0.85 38.53
N LEU B 228 13.35 0.28 37.34
CA LEU B 228 12.70 -1.02 37.23
C LEU B 228 13.61 -2.21 37.51
N ALA B 229 14.91 -1.95 37.65
CA ALA B 229 15.88 -3.00 37.92
C ALA B 229 16.16 -3.15 39.42
N SER B 230 16.01 -4.36 39.91
CA SER B 230 16.46 -4.67 41.26
C SER B 230 17.95 -4.56 41.33
N GLU B 231 18.52 -4.57 42.54
CA GLU B 231 19.96 -4.60 42.66
C GLU B 231 20.55 -5.86 42.06
N ARG B 232 19.83 -6.98 42.15
CA ARG B 232 20.33 -8.22 41.57
C ARG B 232 20.45 -8.11 40.07
N VAL B 233 19.49 -7.45 39.46
CA VAL B 233 19.54 -7.24 38.00
C VAL B 233 20.68 -6.26 37.66
N TYR B 234 20.77 -5.17 38.42
CA TYR B 234 21.83 -4.19 38.19
C TYR B 234 23.19 -4.83 38.32
N ALA B 235 23.33 -5.74 39.27
CA ALA B 235 24.59 -6.42 39.49
C ALA B 235 25.07 -7.14 38.21
N ILE B 236 24.12 -7.73 37.48
CA ILE B 236 24.45 -8.41 36.21
C ILE B 236 24.95 -7.41 35.17
N MET B 237 24.21 -6.34 34.90
CA MET B 237 24.67 -5.41 33.88
C MET B 237 25.97 -4.75 34.33
N TYR B 238 26.10 -4.46 35.63
CA TYR B 238 27.33 -3.83 36.15
C TYR B 238 28.57 -4.68 35.94
N SER B 239 28.43 -6.00 36.11
CA SER B 239 29.54 -6.91 35.97
C SER B 239 30.10 -6.88 34.54
N CYS B 240 29.29 -6.41 33.59
CA CYS B 240 29.73 -6.32 32.20
C CYS B 240 30.71 -5.20 31.95
N TRP B 241 30.83 -4.28 32.90
CA TRP B 241 31.61 -3.05 32.70
C TRP B 241 32.86 -3.00 33.58
N HIS B 242 33.35 -4.15 34.03
CA HIS B 242 34.63 -4.18 34.75
C HIS B 242 35.70 -3.57 33.84
N GLU B 243 36.57 -2.76 34.44
CA GLU B 243 37.65 -2.12 33.71
C GLU B 243 38.49 -3.13 32.92
N LYS B 244 38.91 -4.20 33.59
CA LYS B 244 39.73 -5.24 32.97
CA LYS B 244 39.73 -5.22 32.95
C LYS B 244 38.85 -6.20 32.17
N ALA B 245 39.11 -6.29 30.87
CA ALA B 245 38.34 -7.17 30.00
C ALA B 245 38.29 -8.61 30.53
N ASP B 246 39.42 -9.11 31.03
CA ASP B 246 39.45 -10.50 31.47
C ASP B 246 38.67 -10.72 32.76
N GLU B 247 38.27 -9.65 33.44
CA GLU B 247 37.45 -9.78 34.63
C GLU B 247 35.94 -9.64 34.36
N ARG B 248 35.57 -9.41 33.10
CA ARG B 248 34.17 -9.40 32.73
C ARG B 248 33.71 -10.85 32.53
N PRO B 249 32.46 -11.16 32.90
CA PRO B 249 31.98 -12.53 32.73
C PRO B 249 31.87 -12.93 31.27
N THR B 250 31.68 -14.22 31.04
CA THR B 250 31.32 -14.74 29.73
C THR B 250 29.81 -14.64 29.56
N PHE B 251 29.34 -14.75 28.33
CA PHE B 251 27.90 -14.82 28.12
C PHE B 251 27.27 -16.06 28.75
N LYS B 252 28.05 -17.14 28.86
CA LYS B 252 27.58 -18.33 29.53
C LYS B 252 27.31 -18.03 31.01
N ILE B 253 28.23 -17.34 31.66
CA ILE B 253 28.04 -16.96 33.05
C ILE B 253 26.88 -15.97 33.20
N LEU B 254 26.81 -14.97 32.32
CA LEU B 254 25.70 -14.03 32.39
C LEU B 254 24.35 -14.73 32.26
N LEU B 255 24.26 -15.72 31.38
CA LEU B 255 23.00 -16.37 31.16
C LEU B 255 22.58 -17.08 32.44
N SER B 256 23.55 -17.75 33.04
CA SER B 256 23.32 -18.43 34.32
C SER B 256 22.83 -17.43 35.38
N ASN B 257 23.48 -16.27 35.45
CA ASN B 257 23.09 -15.24 36.41
C ASN B 257 21.67 -14.72 36.13
N ILE B 258 21.35 -14.49 34.86
CA ILE B 258 20.02 -14.03 34.48
C ILE B 258 18.96 -15.05 34.88
N LEU B 259 19.19 -16.32 34.57
CA LEU B 259 18.21 -17.34 34.93
C LEU B 259 18.04 -17.45 36.45
N ASP B 260 19.13 -17.33 37.20
CA ASP B 260 19.06 -17.35 38.67
C ASP B 260 18.17 -16.21 39.19
N VAL B 261 18.41 -14.99 38.72
CA VAL B 261 17.65 -13.84 39.19
C VAL B 261 16.20 -13.90 38.73
N MET B 262 15.97 -14.40 37.52
CA MET B 262 14.63 -14.56 37.00
CA MET B 262 14.61 -14.51 37.04
C MET B 262 13.83 -15.47 37.92
N ASP B 263 14.50 -16.55 38.33
CA ASP B 263 13.90 -17.55 39.18
C ASP B 263 13.55 -16.97 40.54
N GLU B 264 14.48 -16.23 41.13
CA GLU B 264 14.28 -15.66 42.47
C GLU B 264 13.17 -14.61 42.49
N GLU B 265 13.08 -13.81 41.43
CA GLU B 265 12.17 -12.67 41.41
C GLU B 265 10.81 -12.96 40.78
N SER B 266 10.63 -14.15 40.24
CA SER B 266 9.37 -14.51 39.58
C SER B 266 8.23 -14.56 40.60
N ALA C 1 -25.62 3.91 1.71
CA ALA C 1 -25.34 4.77 0.57
C ALA C 1 -23.85 5.08 0.48
N TRP C 2 -23.01 4.07 0.66
CA TRP C 2 -21.56 4.26 0.63
C TRP C 2 -21.20 5.40 1.58
N GLU C 3 -21.44 5.16 2.85
CA GLU C 3 -21.18 6.13 3.88
C GLU C 3 -19.71 6.34 4.08
N ILE C 4 -19.25 7.57 3.86
CA ILE C 4 -17.87 7.89 4.04
C ILE C 4 -17.70 8.61 5.36
N ASP C 5 -16.67 8.20 6.11
CA ASP C 5 -16.34 8.84 7.36
C ASP C 5 -15.53 10.10 7.07
N PRO C 6 -16.02 11.27 7.49
CA PRO C 6 -15.27 12.49 7.18
C PRO C 6 -13.88 12.53 7.78
N LYS C 7 -13.61 11.73 8.82
CA LYS C 7 -12.28 11.62 9.39
C LYS C 7 -11.30 10.95 8.40
N ASP C 8 -11.84 10.23 7.41
CA ASP C 8 -11.02 9.58 6.39
C ASP C 8 -10.72 10.52 5.22
N LEU C 9 -11.18 11.75 5.32
CA LEU C 9 -10.96 12.75 4.28
C LEU C 9 -10.01 13.86 4.69
N THR C 10 -9.22 14.32 3.72
CA THR C 10 -8.32 15.43 3.93
C THR C 10 -8.66 16.43 2.84
N PHE C 11 -8.54 17.70 3.16
CA PHE C 11 -8.85 18.74 2.19
C PHE C 11 -7.56 19.45 1.84
N LEU C 12 -7.18 19.35 0.57
CA LEU C 12 -5.93 19.93 0.10
C LEU C 12 -5.95 21.13 -0.85
N LYS C 13 -6.97 21.25 -1.69
CA LYS C 13 -6.99 22.37 -2.63
C LYS C 13 -8.42 22.81 -2.95
N GLU C 14 -8.61 24.12 -3.16
CA GLU C 14 -9.89 24.68 -3.58
C GLU C 14 -10.09 24.44 -5.05
N LEU C 15 -11.27 23.95 -5.44
CA LEU C 15 -11.56 23.73 -6.84
C LEU C 15 -12.60 24.68 -7.43
N GLY C 16 -13.18 25.54 -6.60
CA GLY C 16 -14.13 26.53 -7.06
C GLY C 16 -15.48 26.37 -6.40
N THR C 17 -16.45 27.10 -6.94
CA THR C 17 -17.80 27.16 -6.39
C THR C 17 -18.82 26.86 -7.48
N GLY C 18 -19.81 26.06 -7.14
CA GLY C 18 -20.92 25.77 -8.02
C GLY C 18 -22.23 25.98 -7.29
N GLN C 19 -23.28 25.41 -7.85
CA GLN C 19 -24.64 25.67 -7.39
C GLN C 19 -24.88 25.20 -5.95
N PHE C 20 -24.07 24.24 -5.47
CA PHE C 20 -24.19 23.77 -4.08
C PHE C 20 -23.05 24.26 -3.19
N GLY C 21 -22.31 25.27 -3.65
CA GLY C 21 -21.23 25.84 -2.87
C GLY C 21 -19.85 25.38 -3.28
N VAL C 22 -18.94 25.35 -2.32
CA VAL C 22 -17.54 25.06 -2.65
C VAL C 22 -17.27 23.58 -2.87
N VAL C 23 -16.28 23.32 -3.72
CA VAL C 23 -15.80 22.00 -4.01
C VAL C 23 -14.30 22.01 -3.81
N LYS C 24 -13.79 20.96 -3.19
CA LYS C 24 -12.37 20.83 -2.86
C LYS C 24 -11.78 19.52 -3.34
N TYR C 25 -10.48 19.53 -3.63
CA TYR C 25 -9.72 18.33 -3.88
C TYR C 25 -9.11 17.82 -2.59
N GLY C 26 -9.09 16.51 -2.41
CA GLY C 26 -8.41 15.95 -1.27
C GLY C 26 -8.17 14.47 -1.44
N LYS C 27 -7.79 13.80 -0.35
CA LYS C 27 -7.63 12.34 -0.40
C LYS C 27 -8.53 11.61 0.58
N TRP C 28 -8.94 10.42 0.17
CA TRP C 28 -9.68 9.50 1.02
C TRP C 28 -8.78 8.39 1.52
N ARG C 29 -8.80 8.18 2.84
CA ARG C 29 -7.87 7.28 3.51
C ARG C 29 -6.45 7.49 3.04
N GLY C 30 -6.12 8.74 2.78
CA GLY C 30 -4.78 9.15 2.43
C GLY C 30 -4.27 8.54 1.15
N GLN C 31 -5.13 7.88 0.42
CA GLN C 31 -4.70 7.23 -0.81
C GLN C 31 -5.38 7.72 -2.08
N TYR C 32 -6.70 7.61 -2.12
CA TYR C 32 -7.46 7.98 -3.30
C TYR C 32 -7.76 9.44 -3.50
N ASP C 33 -7.53 9.92 -4.72
CA ASP C 33 -7.82 11.30 -5.05
C ASP C 33 -9.32 11.44 -5.12
N VAL C 34 -9.85 12.50 -4.53
CA VAL C 34 -11.28 12.72 -4.56
C VAL C 34 -11.62 14.19 -4.65
N ALA C 35 -12.83 14.45 -5.11
CA ALA C 35 -13.39 15.78 -5.19
C ALA C 35 -14.49 15.73 -4.13
N ILE C 36 -14.62 16.79 -3.35
CA ILE C 36 -15.58 16.81 -2.26
C ILE C 36 -16.45 18.06 -2.37
N LYS C 37 -17.75 17.87 -2.54
CA LYS C 37 -18.64 19.01 -2.54
C LYS C 37 -18.95 19.25 -1.08
N MET C 38 -18.65 20.44 -0.57
CA MET C 38 -18.97 20.75 0.81
C MET C 38 -20.21 21.59 0.66
N ILE C 39 -21.35 20.93 0.82
CA ILE C 39 -22.63 21.55 0.58
C ILE C 39 -22.92 22.78 1.42
N LYS C 40 -23.38 23.82 0.73
CA LYS C 40 -23.76 25.08 1.36
C LYS C 40 -25.08 24.96 2.08
N GLU C 41 -25.16 25.47 3.30
CA GLU C 41 -26.45 25.52 4.01
C GLU C 41 -27.52 26.18 3.21
N GLY C 42 -28.64 25.49 3.09
CA GLY C 42 -29.82 25.99 2.41
C GLY C 42 -29.84 25.88 0.90
N SER C 43 -28.80 25.32 0.32
CA SER C 43 -28.75 25.20 -1.12
C SER C 43 -29.28 23.91 -1.73
N MET C 44 -29.44 22.88 -0.91
CA MET C 44 -29.85 21.57 -1.41
C MET C 44 -30.89 20.80 -0.62
N SER C 45 -31.66 19.99 -1.34
CA SER C 45 -32.65 19.10 -0.73
C SER C 45 -31.77 17.89 -0.47
N GLU C 46 -31.10 17.91 0.66
CA GLU C 46 -30.15 16.88 1.05
C GLU C 46 -30.66 15.48 1.35
N ASP C 47 -31.76 15.43 2.06
CA ASP C 47 -32.34 14.16 2.39
C ASP C 47 -32.82 13.40 1.15
N GLU C 48 -33.46 14.10 0.26
CA GLU C 48 -33.86 13.53 -1.03
CA GLU C 48 -33.86 13.50 -1.02
C GLU C 48 -32.63 13.03 -1.80
N PHE C 49 -31.59 13.86 -1.86
CA PHE C 49 -30.39 13.46 -2.56
C PHE C 49 -29.78 12.17 -1.99
N ILE C 50 -29.77 12.06 -0.66
CA ILE C 50 -29.17 10.90 -0.05
C ILE C 50 -29.87 9.62 -0.54
N GLU C 51 -31.19 9.66 -0.67
CA GLU C 51 -31.88 8.48 -1.18
C GLU C 51 -31.64 8.26 -2.65
N GLU C 52 -31.70 9.34 -3.43
CA GLU C 52 -31.45 9.23 -4.87
CA GLU C 52 -31.47 9.19 -4.86
C GLU C 52 -30.02 8.79 -5.16
N ALA C 53 -29.09 9.11 -4.26
CA ALA C 53 -27.66 8.75 -4.42
C ALA C 53 -27.49 7.24 -4.50
N LYS C 54 -28.42 6.51 -3.90
CA LYS C 54 -28.38 5.05 -3.93
C LYS C 54 -28.53 4.53 -5.36
N VAL C 55 -29.33 5.21 -6.17
CA VAL C 55 -29.42 4.90 -7.60
C VAL C 55 -28.16 5.36 -8.31
N MET C 56 -27.73 6.59 -8.02
CA MET C 56 -26.60 7.14 -8.72
C MET C 56 -25.32 6.33 -8.53
N MET C 57 -25.19 5.68 -7.36
CA MET C 57 -23.94 4.97 -7.11
CA MET C 57 -23.99 4.90 -7.03
C MET C 57 -23.80 3.78 -8.04
N ASN C 58 -24.91 3.29 -8.58
CA ASN C 58 -24.89 2.21 -9.55
C ASN C 58 -24.82 2.64 -11.00
N LEU C 59 -24.74 3.96 -11.23
CA LEU C 59 -24.50 4.47 -12.57
C LEU C 59 -23.00 4.53 -12.75
N SER C 60 -22.45 3.52 -13.41
CA SER C 60 -21.03 3.40 -13.49
C SER C 60 -20.66 3.24 -14.93
N HIS C 61 -20.02 4.26 -15.45
CA HIS C 61 -19.56 4.25 -16.82
C HIS C 61 -18.30 5.07 -16.82
N GLU C 62 -17.34 4.65 -17.62
CA GLU C 62 -16.04 5.27 -17.59
C GLU C 62 -16.05 6.75 -17.99
N LYS C 63 -17.12 7.20 -18.64
CA LYS C 63 -17.23 8.59 -19.08
C LYS C 63 -18.24 9.38 -18.25
N LEU C 64 -18.71 8.77 -17.15
CA LEU C 64 -19.49 9.47 -16.12
C LEU C 64 -18.56 9.71 -14.92
N VAL C 65 -18.55 10.93 -14.38
CA VAL C 65 -17.84 11.18 -13.13
C VAL C 65 -18.47 10.33 -12.04
N GLN C 66 -17.68 9.49 -11.39
CA GLN C 66 -18.23 8.51 -10.46
C GLN C 66 -18.49 9.09 -9.07
N LEU C 67 -19.67 8.77 -8.53
CA LEU C 67 -20.01 9.05 -7.13
C LEU C 67 -19.36 7.98 -6.28
N TYR C 68 -18.57 8.38 -5.30
CA TYR C 68 -17.88 7.43 -4.42
C TYR C 68 -18.67 7.26 -3.13
N GLY C 69 -19.31 8.33 -2.66
CA GLY C 69 -20.06 8.22 -1.44
C GLY C 69 -20.44 9.56 -0.86
N VAL C 70 -20.96 9.51 0.36
CA VAL C 70 -21.57 10.66 1.00
CA VAL C 70 -21.56 10.68 1.00
C VAL C 70 -21.26 10.66 2.49
N CYS C 71 -21.04 11.84 3.06
CA CYS C 71 -20.94 11.99 4.51
C CYS C 71 -22.30 12.47 4.98
N THR C 72 -23.05 11.59 5.64
CA THR C 72 -24.45 11.89 5.98
C THR C 72 -24.70 11.94 7.49
N LYS C 73 -23.68 11.71 8.30
CA LYS C 73 -23.85 11.77 9.76
C LYS C 73 -23.50 13.16 10.27
N GLN C 74 -23.93 14.14 9.49
CA GLN C 74 -23.66 15.56 9.68
C GLN C 74 -24.56 16.31 8.71
N ARG C 75 -24.78 17.59 8.99
CA ARG C 75 -25.46 18.48 8.08
C ARG C 75 -24.74 19.82 8.06
N PRO C 76 -24.46 20.36 6.88
CA PRO C 76 -24.79 19.76 5.59
C PRO C 76 -23.87 18.59 5.25
N ILE C 77 -24.30 17.77 4.31
CA ILE C 77 -23.54 16.62 3.87
C ILE C 77 -22.36 17.00 2.98
N PHE C 78 -21.49 16.02 2.75
CA PHE C 78 -20.35 16.14 1.85
C PHE C 78 -20.64 15.12 0.76
N ILE C 79 -20.32 15.43 -0.49
CA ILE C 79 -20.54 14.51 -1.61
C ILE C 79 -19.18 14.25 -2.20
N ILE C 80 -18.74 12.99 -2.15
CA ILE C 80 -17.41 12.60 -2.61
C ILE C 80 -17.47 11.90 -3.95
N THR C 81 -16.64 12.39 -4.87
CA THR C 81 -16.60 11.86 -6.21
C THR C 81 -15.19 11.73 -6.75
N GLU C 82 -15.17 11.14 -7.93
CA GLU C 82 -13.94 10.95 -8.69
C GLU C 82 -13.40 12.36 -8.95
N TYR C 83 -12.08 12.50 -8.94
CA TYR C 83 -11.40 13.76 -9.19
C TYR C 83 -10.95 13.85 -10.64
N MET C 84 -11.28 14.98 -11.27
CA MET C 84 -10.91 15.26 -12.65
C MET C 84 -9.92 16.41 -12.60
N ALA C 85 -8.66 16.08 -12.83
CA ALA C 85 -7.55 17.01 -12.70
C ALA C 85 -7.55 18.26 -13.56
N ASN C 86 -8.08 18.18 -14.76
CA ASN C 86 -8.05 19.34 -15.65
C ASN C 86 -9.33 20.21 -15.60
N GLY C 87 -10.21 19.90 -14.68
CA GLY C 87 -11.32 20.80 -14.40
C GLY C 87 -12.40 20.84 -15.46
N CYS C 88 -13.09 21.98 -15.50
CA CYS C 88 -14.26 22.21 -16.34
C CYS C 88 -13.90 22.19 -17.81
N LEU C 89 -14.64 21.43 -18.60
CA LEU C 89 -14.43 21.40 -20.05
C LEU C 89 -14.49 22.78 -20.66
N LEU C 90 -15.41 23.63 -20.21
CA LEU C 90 -15.55 24.94 -20.80
C LEU C 90 -14.26 25.73 -20.65
N ASN C 91 -13.66 25.73 -19.47
CA ASN C 91 -12.41 26.42 -19.28
C ASN C 91 -11.26 25.77 -20.03
N TYR C 92 -11.28 24.44 -20.11
CA TYR C 92 -10.23 23.69 -20.80
C TYR C 92 -10.21 24.07 -22.27
N LEU C 93 -11.41 24.15 -22.86
CA LEU C 93 -11.54 24.57 -24.26
C LEU C 93 -11.01 25.98 -24.48
N ARG C 94 -11.38 26.89 -23.58
CA ARG C 94 -11.01 28.30 -23.72
C ARG C 94 -9.50 28.52 -23.48
N GLU C 95 -8.87 27.64 -22.70
CA GLU C 95 -7.43 27.72 -22.42
CA GLU C 95 -7.43 27.75 -22.45
C GLU C 95 -6.58 27.04 -23.49
N MET C 96 -7.05 25.91 -23.99
CA MET C 96 -6.35 25.07 -24.98
C MET C 96 -6.61 25.50 -26.43
N ARG C 97 -7.42 26.54 -26.59
CA ARG C 97 -7.98 26.99 -27.87
C ARG C 97 -7.19 26.84 -29.18
N HIS C 98 -5.90 26.96 -29.16
CA HIS C 98 -5.11 26.94 -30.40
C HIS C 98 -4.34 25.63 -30.46
N ARG C 99 -4.54 24.76 -29.47
CA ARG C 99 -3.81 23.51 -29.41
C ARG C 99 -4.62 22.25 -29.76
N PHE C 100 -5.85 22.41 -30.23
CA PHE C 100 -6.66 21.24 -30.55
C PHE C 100 -6.77 20.86 -32.01
N GLN C 101 -6.50 19.60 -32.29
CA GLN C 101 -6.67 19.05 -33.61
C GLN C 101 -8.17 18.78 -33.68
N THR C 102 -8.79 18.90 -34.86
CA THR C 102 -10.23 18.67 -34.97
C THR C 102 -10.60 17.24 -34.59
N GLN C 103 -9.68 16.31 -34.78
CA GLN C 103 -9.91 14.94 -34.36
C GLN C 103 -10.13 14.86 -32.85
N GLN C 104 -9.42 15.70 -32.10
CA GLN C 104 -9.51 15.74 -30.64
C GLN C 104 -10.86 16.33 -30.21
N LEU C 105 -11.35 17.29 -30.96
CA LEU C 105 -12.67 17.86 -30.67
C LEU C 105 -13.75 16.80 -30.84
N LEU C 106 -13.66 16.01 -31.91
CA LEU C 106 -14.67 14.98 -32.11
C LEU C 106 -14.55 13.90 -31.05
N GLU C 107 -13.33 13.64 -30.57
CA GLU C 107 -13.13 12.64 -29.52
C GLU C 107 -13.81 13.09 -28.21
N MET C 108 -13.74 14.38 -27.93
CA MET C 108 -14.46 14.94 -26.77
C MET C 108 -15.97 14.74 -26.90
N CYS C 109 -16.51 14.98 -28.11
CA CYS C 109 -17.92 14.74 -28.36
C CYS C 109 -18.28 13.29 -28.16
N LYS C 110 -17.41 12.40 -28.63
CA LYS C 110 -17.59 10.97 -28.45
C LYS C 110 -17.63 10.59 -26.97
N ASP C 111 -16.72 11.15 -26.20
CA ASP C 111 -16.68 10.87 -24.75
C ASP C 111 -18.03 11.16 -24.11
N VAL C 112 -18.53 12.36 -24.37
CA VAL C 112 -19.78 12.79 -23.80
C VAL C 112 -20.94 11.94 -24.32
N CYS C 113 -20.94 11.63 -25.61
CA CYS C 113 -22.01 10.83 -26.19
C CYS C 113 -22.06 9.42 -25.59
N GLU C 114 -20.90 8.84 -25.29
CA GLU C 114 -20.84 7.53 -24.67
C GLU C 114 -21.50 7.58 -23.29
N ALA C 115 -21.18 8.61 -22.53
CA ALA C 115 -21.82 8.79 -21.22
C ALA C 115 -23.33 8.91 -21.33
N MET C 116 -23.77 9.70 -22.29
CA MET C 116 -25.19 9.96 -22.41
C MET C 116 -25.94 8.79 -22.98
N GLU C 117 -25.31 8.01 -23.85
CA GLU C 117 -25.91 6.78 -24.34
CA GLU C 117 -25.94 6.80 -24.34
C GLU C 117 -26.17 5.85 -23.16
N TYR C 118 -25.22 5.80 -22.22
CA TYR C 118 -25.34 4.95 -21.04
C TYR C 118 -26.50 5.44 -20.18
N LEU C 119 -26.55 6.73 -19.89
CA LEU C 119 -27.67 7.24 -19.11
C LEU C 119 -29.01 7.01 -19.81
N GLU C 120 -29.06 7.20 -21.13
CA GLU C 120 -30.29 6.98 -21.89
C GLU C 120 -30.75 5.53 -21.74
N SER C 121 -29.78 4.62 -21.72
CA SER C 121 -30.10 3.20 -21.58
C SER C 121 -30.66 2.88 -20.20
N LYS C 122 -30.34 3.74 -19.24
CA LYS C 122 -30.83 3.58 -17.86
C LYS C 122 -32.03 4.48 -17.60
N GLN C 123 -32.53 5.13 -18.66
CA GLN C 123 -33.69 6.03 -18.57
C GLN C 123 -33.47 7.06 -17.48
N PHE C 124 -32.27 7.63 -17.49
CA PHE C 124 -31.84 8.59 -16.48
C PHE C 124 -31.52 9.92 -17.18
N LEU C 125 -32.23 10.98 -16.80
CA LEU C 125 -32.03 12.28 -17.46
C LEU C 125 -30.93 13.09 -16.78
N HIS C 126 -30.11 13.77 -17.57
CA HIS C 126 -29.12 14.66 -16.99
C HIS C 126 -29.79 15.95 -16.47
N ARG C 127 -30.58 16.57 -17.35
CA ARG C 127 -31.36 17.80 -17.12
C ARG C 127 -30.64 19.16 -17.23
N ASP C 128 -29.32 19.14 -17.36
CA ASP C 128 -28.51 20.35 -17.49
C ASP C 128 -27.17 20.02 -18.14
N LEU C 129 -27.25 19.36 -19.29
CA LEU C 129 -26.06 19.00 -20.04
C LEU C 129 -25.54 20.24 -20.78
N ALA C 130 -24.24 20.48 -20.63
CA ALA C 130 -23.55 21.66 -21.17
C ALA C 130 -22.09 21.46 -20.90
N ALA C 131 -21.24 22.18 -21.63
CA ALA C 131 -19.80 22.03 -21.41
C ALA C 131 -19.40 22.39 -19.97
N ARG C 132 -20.11 23.31 -19.34
CA ARG C 132 -19.80 23.72 -17.98
C ARG C 132 -19.97 22.56 -17.00
N ASN C 133 -20.79 21.59 -17.39
CA ASN C 133 -21.06 20.43 -16.55
C ASN C 133 -20.31 19.17 -16.98
N CYS C 134 -19.22 19.37 -17.70
CA CYS C 134 -18.34 18.30 -18.14
C CYS C 134 -16.98 18.60 -17.54
N LEU C 135 -16.23 17.56 -17.20
CA LEU C 135 -14.92 17.72 -16.58
C LEU C 135 -13.90 16.95 -17.41
N VAL C 136 -12.62 17.27 -17.21
CA VAL C 136 -11.53 16.69 -18.03
C VAL C 136 -10.49 16.05 -17.11
N ASN C 137 -10.03 14.85 -17.43
CA ASN C 137 -9.03 14.19 -16.59
C ASN C 137 -7.61 14.53 -17.08
N ASP C 138 -6.62 13.88 -16.46
CA ASP C 138 -5.22 14.17 -16.73
CA ASP C 138 -5.21 14.13 -16.71
C ASP C 138 -4.80 13.90 -18.16
N GLN C 139 -5.59 13.08 -18.85
CA GLN C 139 -5.26 12.66 -20.21
C GLN C 139 -6.01 13.43 -21.27
N GLY C 140 -6.92 14.30 -20.87
CA GLY C 140 -7.79 15.00 -21.81
C GLY C 140 -9.11 14.30 -22.14
N VAL C 141 -9.45 13.26 -21.38
CA VAL C 141 -10.72 12.53 -21.51
C VAL C 141 -11.80 13.36 -20.82
N VAL C 142 -12.92 13.50 -21.50
CA VAL C 142 -14.06 14.25 -20.96
C VAL C 142 -15.05 13.31 -20.30
N LYS C 143 -15.54 13.69 -19.13
CA LYS C 143 -16.57 12.95 -18.44
C LYS C 143 -17.70 13.90 -18.05
N VAL C 144 -18.88 13.34 -18.00
CA VAL C 144 -20.09 14.08 -17.69
C VAL C 144 -20.33 14.10 -16.17
N SER C 145 -20.63 15.29 -15.64
CA SER C 145 -20.77 15.52 -14.20
C SER C 145 -22.18 16.01 -13.84
N ASP C 146 -22.60 15.71 -12.61
CA ASP C 146 -23.80 16.28 -12.00
C ASP C 146 -25.08 16.01 -12.77
N PHE C 147 -25.13 14.82 -13.36
CA PHE C 147 -26.33 14.30 -13.97
C PHE C 147 -27.44 14.10 -12.92
N GLY C 148 -28.63 14.61 -13.23
CA GLY C 148 -29.79 14.44 -12.36
C GLY C 148 -29.83 15.36 -11.16
N MET C 149 -28.80 16.19 -10.99
CA MET C 149 -28.67 16.96 -9.76
C MET C 149 -29.55 18.20 -9.68
N THR C 150 -30.13 18.65 -10.78
CA THR C 150 -31.07 19.78 -10.72
C THR C 150 -32.25 19.55 -9.76
N ARG C 151 -32.61 18.28 -9.57
CA ARG C 151 -33.70 17.89 -8.68
C ARG C 151 -33.50 18.39 -7.26
N PHE C 152 -32.26 18.65 -6.87
CA PHE C 152 -31.93 18.97 -5.49
C PHE C 152 -31.60 20.44 -5.26
N VAL C 153 -31.73 21.25 -6.29
CA VAL C 153 -31.42 22.68 -6.19
C VAL C 153 -32.53 23.45 -5.49
N LEU C 154 -32.17 24.15 -4.42
CA LEU C 154 -33.05 25.11 -3.76
C LEU C 154 -32.55 26.52 -4.11
N ASP C 155 -33.04 27.02 -5.23
CA ASP C 155 -32.65 28.32 -5.73
C ASP C 155 -33.63 28.68 -6.82
N ASP C 156 -34.52 29.60 -6.50
CA ASP C 156 -35.57 29.97 -7.43
C ASP C 156 -35.00 30.59 -8.69
N GLU C 157 -33.82 31.21 -8.61
CA GLU C 157 -33.25 31.80 -9.82
C GLU C 157 -32.75 30.72 -10.79
N TYR C 158 -32.53 29.50 -10.29
CA TYR C 158 -32.09 28.42 -11.16
C TYR C 158 -33.26 27.55 -11.63
N THR C 159 -34.22 27.27 -10.75
CA THR C 159 -35.26 26.30 -11.08
C THR C 159 -36.37 26.90 -11.95
N SER C 160 -36.53 28.21 -11.90
CA SER C 160 -37.51 28.87 -12.75
C SER C 160 -36.91 29.22 -14.10
N SER C 161 -37.61 28.91 -15.19
CA SER C 161 -37.11 29.25 -16.52
C SER C 161 -36.92 30.74 -16.72
N THR C 162 -37.56 31.54 -15.85
CA THR C 162 -37.42 33.00 -15.94
C THR C 162 -36.32 33.52 -15.03
N GLY C 163 -35.66 32.62 -14.31
CA GLY C 163 -34.63 33.01 -13.38
C GLY C 163 -33.32 33.34 -14.04
N THR C 164 -32.47 34.06 -13.32
CA THR C 164 -31.19 34.54 -13.85
CA THR C 164 -31.20 34.53 -13.86
C THR C 164 -30.19 33.42 -14.09
N LYS C 165 -30.45 32.24 -13.51
CA LYS C 165 -29.48 31.16 -13.56
C LYS C 165 -29.92 29.97 -14.42
N PHE C 166 -31.16 29.98 -14.91
CA PHE C 166 -31.71 28.85 -15.69
C PHE C 166 -30.97 28.81 -17.03
N PRO C 167 -30.57 27.61 -17.48
CA PRO C 167 -29.79 27.44 -18.72
C PRO C 167 -30.63 27.51 -19.99
N VAL C 168 -31.24 28.67 -20.22
CA VAL C 168 -32.15 28.86 -21.34
C VAL C 168 -31.58 28.47 -22.70
N LYS C 169 -30.33 28.83 -22.94
CA LYS C 169 -29.78 28.66 -24.28
C LYS C 169 -29.33 27.23 -24.61
N TRP C 170 -29.49 26.31 -23.65
CA TRP C 170 -29.27 24.88 -23.87
C TRP C 170 -30.60 24.13 -23.84
N ALA C 171 -31.69 24.84 -23.57
CA ALA C 171 -32.98 24.21 -23.30
C ALA C 171 -33.82 24.08 -24.57
N SER C 172 -34.39 22.90 -24.77
CA SER C 172 -35.24 22.66 -25.92
C SER C 172 -36.53 23.46 -25.76
N PRO C 173 -37.23 23.71 -26.87
CA PRO C 173 -38.45 24.53 -26.77
C PRO C 173 -39.49 23.95 -25.83
N GLU C 174 -39.64 22.63 -25.79
CA GLU C 174 -40.67 22.06 -24.92
C GLU C 174 -40.29 22.14 -23.44
N VAL C 175 -39.00 22.22 -23.12
CA VAL C 175 -38.60 22.52 -21.76
C VAL C 175 -38.98 23.95 -21.38
N LEU C 176 -38.72 24.90 -22.27
CA LEU C 176 -38.99 26.30 -21.95
C LEU C 176 -40.48 26.61 -21.91
N MET C 177 -41.24 25.97 -22.79
CA MET C 177 -42.69 26.24 -22.88
C MET C 177 -43.50 25.41 -21.88
N TYR C 178 -43.13 24.15 -21.68
CA TYR C 178 -43.95 23.21 -20.94
C TYR C 178 -43.22 22.47 -19.80
N SER C 179 -41.95 22.80 -19.58
CA SER C 179 -41.12 22.07 -18.62
C SER C 179 -41.14 20.56 -18.87
N LYS C 180 -41.17 20.16 -20.14
CA LYS C 180 -41.19 18.76 -20.52
C LYS C 180 -39.78 18.22 -20.74
N PHE C 181 -39.19 17.68 -19.69
CA PHE C 181 -37.88 17.06 -19.78
C PHE C 181 -37.98 15.63 -20.21
N SER C 182 -37.03 15.21 -21.05
CA SER C 182 -36.96 13.86 -21.54
C SER C 182 -35.57 13.58 -22.11
N SER C 183 -35.34 12.36 -22.57
CA SER C 183 -34.08 12.01 -23.22
CA SER C 183 -34.03 12.10 -23.11
C SER C 183 -33.85 12.98 -24.37
N LYS C 184 -34.96 13.38 -25.01
CA LYS C 184 -34.88 14.28 -26.17
C LYS C 184 -34.52 15.73 -25.83
N SER C 185 -34.77 16.16 -24.61
CA SER C 185 -34.28 17.48 -24.22
C SER C 185 -32.79 17.37 -23.90
N ASP C 186 -32.35 16.23 -23.36
CA ASP C 186 -30.91 16.02 -23.22
C ASP C 186 -30.22 16.02 -24.57
N ILE C 187 -30.87 15.46 -25.60
CA ILE C 187 -30.31 15.39 -26.94
C ILE C 187 -30.10 16.82 -27.46
N TRP C 188 -31.11 17.65 -27.28
CA TRP C 188 -31.04 19.03 -27.72
C TRP C 188 -29.83 19.73 -27.10
N ALA C 189 -29.69 19.57 -25.78
CA ALA C 189 -28.59 20.16 -25.06
C ALA C 189 -27.25 19.61 -25.52
N PHE C 190 -27.21 18.32 -25.81
CA PHE C 190 -25.97 17.71 -26.31
C PHE C 190 -25.53 18.36 -27.62
N GLY C 191 -26.49 18.69 -28.49
CA GLY C 191 -26.16 19.38 -29.71
C GLY C 191 -25.50 20.73 -29.41
N VAL C 192 -26.03 21.47 -28.45
CA VAL C 192 -25.43 22.74 -28.08
C VAL C 192 -24.03 22.50 -27.51
N LEU C 193 -23.87 21.43 -26.72
CA LEU C 193 -22.56 21.08 -26.18
C LEU C 193 -21.56 20.78 -27.29
N MET C 194 -21.97 20.03 -28.31
CA MET C 194 -21.07 19.78 -29.46
C MET C 194 -20.64 21.09 -30.09
N TRP C 195 -21.58 22.00 -30.21
CA TRP C 195 -21.29 23.32 -30.74
C TRP C 195 -20.29 24.09 -29.86
N GLU C 196 -20.46 24.01 -28.54
CA GLU C 196 -19.49 24.61 -27.63
C GLU C 196 -18.10 24.05 -27.85
N ILE C 197 -18.00 22.73 -27.99
CA ILE C 197 -16.71 22.08 -28.17
C ILE C 197 -16.07 22.57 -29.47
N TYR C 198 -16.81 22.55 -30.57
CA TYR C 198 -16.21 22.92 -31.85
C TYR C 198 -15.96 24.41 -31.99
N SER C 199 -16.63 25.21 -31.16
CA SER C 199 -16.38 26.64 -31.09
CA SER C 199 -16.38 26.65 -31.10
C SER C 199 -15.36 27.02 -30.01
N LEU C 200 -14.72 26.02 -29.42
CA LEU C 200 -13.70 26.23 -28.38
C LEU C 200 -14.22 27.08 -27.23
N GLY C 201 -15.47 26.82 -26.83
CA GLY C 201 -16.00 27.37 -25.61
C GLY C 201 -16.72 28.70 -25.76
N LYS C 202 -17.07 29.04 -27.01
CA LYS C 202 -17.91 30.21 -27.24
C LYS C 202 -19.28 30.06 -26.59
N MET C 203 -19.85 31.17 -26.12
CA MET C 203 -21.20 31.22 -25.60
CA MET C 203 -21.20 31.18 -25.60
C MET C 203 -22.24 31.09 -26.74
N PRO C 204 -23.16 30.10 -26.66
CA PRO C 204 -24.20 30.01 -27.71
C PRO C 204 -25.18 31.19 -27.63
N TYR C 205 -25.61 31.67 -28.79
CA TYR C 205 -26.60 32.73 -28.85
C TYR C 205 -26.16 33.93 -28.01
N GLU C 206 -24.87 34.22 -28.04
CA GLU C 206 -24.32 35.22 -27.14
C GLU C 206 -24.96 36.61 -27.31
N ARG C 207 -25.19 37.01 -28.54
CA ARG C 207 -25.74 38.34 -28.82
C ARG C 207 -27.24 38.45 -28.72
N PHE C 208 -27.90 37.34 -28.41
CA PHE C 208 -29.36 37.31 -28.30
C PHE C 208 -29.88 37.34 -26.87
N THR C 209 -31.01 37.99 -26.69
CA THR C 209 -31.69 38.01 -25.41
C THR C 209 -32.41 36.68 -25.40
N ASN C 210 -32.96 36.28 -24.26
CA ASN C 210 -33.67 35.01 -24.21
C ASN C 210 -34.87 35.03 -25.15
N SER C 211 -35.56 36.17 -25.26
CA SER C 211 -36.71 36.24 -26.16
C SER C 211 -36.27 36.21 -27.62
N GLU C 212 -35.16 36.87 -27.93
CA GLU C 212 -34.62 36.82 -29.28
C GLU C 212 -34.17 35.42 -29.64
N THR C 213 -33.58 34.71 -28.69
CA THR C 213 -33.19 33.32 -28.93
C THR C 213 -34.41 32.46 -29.27
N ALA C 214 -35.47 32.62 -28.49
CA ALA C 214 -36.69 31.87 -28.72
C ALA C 214 -37.28 32.14 -30.10
N GLU C 215 -37.28 33.42 -30.50
CA GLU C 215 -37.81 33.79 -31.83
C GLU C 215 -36.97 33.21 -32.96
N HIS C 216 -35.66 33.26 -32.77
CA HIS C 216 -34.69 32.74 -33.72
C HIS C 216 -34.97 31.25 -33.96
N ILE C 217 -35.15 30.52 -32.86
CA ILE C 217 -35.38 29.11 -32.93
C ILE C 217 -36.75 28.80 -33.52
N ALA C 218 -37.74 29.64 -33.20
CA ALA C 218 -39.08 29.46 -33.73
C ALA C 218 -39.12 29.66 -35.24
N GLN C 219 -38.26 30.53 -35.75
CA GLN C 219 -38.17 30.76 -37.18
C GLN C 219 -37.55 29.58 -37.91
N GLY C 220 -36.86 28.72 -37.17
CA GLY C 220 -36.17 27.55 -37.70
C GLY C 220 -34.65 27.65 -37.78
N LEU C 221 -34.09 28.72 -37.22
CA LEU C 221 -32.64 28.89 -37.22
C LEU C 221 -32.08 28.36 -35.91
N ARG C 222 -30.77 28.11 -35.94
CA ARG C 222 -30.11 27.39 -34.89
C ARG C 222 -28.74 28.04 -34.81
N LEU C 223 -27.80 27.34 -34.20
CA LEU C 223 -26.44 27.79 -34.14
C LEU C 223 -25.69 27.59 -35.46
N PRO C 224 -24.78 28.51 -35.78
CA PRO C 224 -24.04 28.37 -37.05
C PRO C 224 -23.01 27.27 -36.99
N ARG C 225 -22.54 26.88 -38.16
CA ARG C 225 -21.52 25.85 -38.24
C ARG C 225 -20.20 26.45 -37.78
N PRO C 226 -19.62 25.87 -36.72
CA PRO C 226 -18.28 26.36 -36.32
C PRO C 226 -17.23 26.09 -37.39
N HIS C 227 -16.24 26.97 -37.46
CA HIS C 227 -15.22 26.91 -38.50
C HIS C 227 -14.50 25.58 -38.51
N LEU C 228 -14.24 25.04 -37.33
CA LEU C 228 -13.51 23.80 -37.20
C LEU C 228 -14.34 22.55 -37.48
N ALA C 229 -15.66 22.72 -37.62
CA ALA C 229 -16.54 21.60 -37.91
C ALA C 229 -16.82 21.45 -39.39
N SER C 230 -16.61 20.26 -39.89
CA SER C 230 -17.03 19.92 -41.25
C SER C 230 -18.54 19.94 -41.32
N GLU C 231 -19.10 19.88 -42.53
CA GLU C 231 -20.54 19.78 -42.64
C GLU C 231 -21.05 18.48 -42.06
N ARG C 232 -20.27 17.41 -42.15
CA ARG C 232 -20.68 16.13 -41.58
C ARG C 232 -20.81 16.22 -40.07
N VAL C 233 -19.88 16.93 -39.45
CA VAL C 233 -19.95 17.14 -37.98
C VAL C 233 -21.13 18.04 -37.65
N TYR C 234 -21.31 19.13 -38.39
CA TYR C 234 -22.42 20.03 -38.16
C TYR C 234 -23.74 19.30 -38.28
N ALA C 235 -23.83 18.39 -39.24
CA ALA C 235 -25.03 17.64 -39.48
C ALA C 235 -25.46 16.88 -38.20
N ILE C 236 -24.49 16.38 -37.47
CA ILE C 236 -24.77 15.66 -36.22
C ILE C 236 -25.33 16.61 -35.17
N MET C 237 -24.66 17.72 -34.90
CA MET C 237 -25.18 18.61 -33.87
C MET C 237 -26.51 19.18 -34.32
N TYR C 238 -26.67 19.46 -35.63
CA TYR C 238 -27.93 19.99 -36.14
C TYR C 238 -29.12 19.07 -35.94
N SER C 239 -28.90 17.77 -36.11
CA SER C 239 -29.96 16.78 -35.96
C SER C 239 -30.50 16.79 -34.53
N CYS C 240 -29.72 17.29 -33.58
CA CYS C 240 -30.17 17.36 -32.19
C CYS C 240 -31.21 18.42 -31.95
N TRP C 241 -31.39 19.35 -32.90
CA TRP C 241 -32.25 20.51 -32.68
C TRP C 241 -33.52 20.49 -33.56
N HIS C 242 -33.92 19.31 -34.01
CA HIS C 242 -35.20 19.18 -34.72
C HIS C 242 -36.31 19.72 -33.82
N GLU C 243 -37.22 20.46 -34.42
CA GLU C 243 -38.34 21.04 -33.69
C GLU C 243 -39.11 19.99 -32.90
N LYS C 244 -39.46 18.89 -33.55
CA LYS C 244 -40.23 17.81 -32.94
C LYS C 244 -39.30 16.89 -32.15
N ALA C 245 -39.53 16.79 -30.85
CA ALA C 245 -38.69 15.96 -30.01
C ALA C 245 -38.56 14.53 -30.54
N ASP C 246 -39.66 13.94 -31.03
CA ASP C 246 -39.58 12.56 -31.47
C ASP C 246 -38.77 12.39 -32.77
N GLU C 247 -38.45 13.49 -33.44
CA GLU C 247 -37.62 13.44 -34.65
C GLU C 247 -36.13 13.66 -34.35
N ARG C 248 -35.79 13.88 -33.09
CA ARG C 248 -34.40 13.97 -32.72
C ARG C 248 -33.84 12.57 -32.53
N PRO C 249 -32.58 12.35 -32.89
CA PRO C 249 -31.99 11.03 -32.73
C PRO C 249 -31.86 10.62 -31.26
N THR C 250 -31.56 9.35 -31.04
CA THR C 250 -31.16 8.85 -29.72
C THR C 250 -29.66 9.05 -29.58
N PHE C 251 -29.16 8.97 -28.36
CA PHE C 251 -27.72 9.00 -28.16
C PHE C 251 -27.02 7.80 -28.79
N LYS C 252 -27.72 6.68 -28.89
CA LYS C 252 -27.20 5.49 -29.56
C LYS C 252 -26.95 5.81 -31.03
N ILE C 253 -27.92 6.45 -31.67
CA ILE C 253 -27.75 6.84 -33.08
C ILE C 253 -26.67 7.91 -33.23
N LEU C 254 -26.66 8.92 -32.36
CA LEU C 254 -25.62 9.94 -32.43
C LEU C 254 -24.23 9.33 -32.29
N LEU C 255 -24.08 8.33 -31.40
CA LEU C 255 -22.77 7.77 -31.18
C LEU C 255 -22.29 7.09 -32.47
N SER C 256 -23.21 6.35 -33.08
CA SER C 256 -22.92 5.69 -34.36
C SER C 256 -22.51 6.74 -35.41
N ASN C 257 -23.23 7.86 -35.47
CA ASN C 257 -22.90 8.92 -36.42
C ASN C 257 -21.52 9.52 -36.16
N ILE C 258 -21.22 9.78 -34.89
CA ILE C 258 -19.91 10.31 -34.51
C ILE C 258 -18.79 9.35 -34.91
N LEU C 259 -18.96 8.07 -34.62
CA LEU C 259 -17.93 7.11 -34.97
C LEU C 259 -17.75 7.03 -36.49
N ASP C 260 -18.85 7.08 -37.24
CA ASP C 260 -18.79 7.08 -38.71
C ASP C 260 -17.97 8.27 -39.25
N VAL C 261 -18.28 9.47 -38.77
CA VAL C 261 -17.59 10.67 -39.22
C VAL C 261 -16.13 10.70 -38.74
N MET C 262 -15.87 10.20 -37.53
CA MET C 262 -14.51 10.15 -37.02
CA MET C 262 -14.50 10.20 -37.05
C MET C 262 -13.67 9.29 -37.94
N ASP C 263 -14.27 8.19 -38.39
CA ASP C 263 -13.58 7.24 -39.25
C ASP C 263 -13.30 7.87 -40.61
N GLU C 264 -14.30 8.54 -41.18
CA GLU C 264 -14.15 9.14 -42.51
C GLU C 264 -13.12 10.25 -42.53
N GLU C 265 -13.07 11.07 -41.48
CA GLU C 265 -12.24 12.26 -41.47
C GLU C 265 -10.85 12.10 -40.85
N SER C 266 -10.57 10.93 -40.29
CA SER C 266 -9.26 10.71 -39.68
C SER C 266 -8.21 10.55 -40.78
N TRP D 2 0.01 -33.36 21.27
CA TRP D 2 0.63 -33.56 19.96
C TRP D 2 1.67 -32.49 19.66
N GLU D 3 2.90 -32.74 20.09
CA GLU D 3 3.97 -31.78 19.90
C GLU D 3 4.29 -31.62 18.42
N ILE D 4 4.10 -30.42 17.92
CA ILE D 4 4.35 -30.11 16.54
C ILE D 4 5.71 -29.43 16.42
N ASP D 5 6.47 -29.82 15.42
CA ASP D 5 7.76 -29.22 15.15
C ASP D 5 7.56 -27.92 14.40
N PRO D 6 8.00 -26.78 14.99
CA PRO D 6 7.75 -25.52 14.29
C PRO D 6 8.43 -25.45 12.91
N LYS D 7 9.46 -26.28 12.72
CA LYS D 7 10.14 -26.32 11.44
C LYS D 7 9.20 -26.81 10.35
N ASP D 8 8.13 -27.48 10.75
CA ASP D 8 7.15 -27.97 9.79
C ASP D 8 6.06 -26.93 9.47
N LEU D 9 6.12 -25.76 10.11
CA LEU D 9 5.14 -24.72 9.83
C LEU D 9 5.66 -23.67 8.88
N THR D 10 4.77 -23.28 7.98
CA THR D 10 4.97 -22.14 7.12
C THR D 10 3.89 -21.10 7.41
N PHE D 11 4.30 -19.85 7.59
CA PHE D 11 3.38 -18.77 7.93
C PHE D 11 3.07 -17.96 6.69
N LEU D 12 1.80 -17.99 6.28
CA LEU D 12 1.41 -17.43 4.99
C LEU D 12 0.74 -16.06 5.08
N LYS D 13 -0.27 -15.92 5.94
CA LYS D 13 -1.03 -14.69 6.01
C LYS D 13 -1.45 -14.42 7.44
N GLU D 14 -1.48 -13.15 7.83
CA GLU D 14 -1.97 -12.78 9.16
C GLU D 14 -3.48 -12.74 9.12
N LEU D 15 -4.10 -13.28 10.16
CA LEU D 15 -5.57 -13.39 10.24
C LEU D 15 -6.17 -12.43 11.25
N GLY D 16 -5.31 -11.73 11.99
CA GLY D 16 -5.74 -10.78 12.98
C GLY D 16 -5.15 -11.04 14.35
N THR D 17 -5.67 -10.31 15.34
CA THR D 17 -5.19 -10.40 16.70
C THR D 17 -6.34 -10.63 17.65
N GLY D 18 -6.11 -11.47 18.65
CA GLY D 18 -7.08 -11.71 19.69
C GLY D 18 -6.41 -11.60 21.03
N GLN D 19 -7.04 -12.20 22.05
CA GLN D 19 -6.64 -12.01 23.42
C GLN D 19 -5.23 -12.52 23.69
N PHE D 20 -4.78 -13.48 22.88
CA PHE D 20 -3.43 -14.04 23.03
C PHE D 20 -2.47 -13.55 21.93
N GLY D 21 -2.84 -12.50 21.22
CA GLY D 21 -1.97 -11.94 20.20
C GLY D 21 -2.32 -12.33 18.78
N VAL D 22 -1.31 -12.38 17.92
CA VAL D 22 -1.46 -12.58 16.48
CA VAL D 22 -1.61 -12.55 16.51
C VAL D 22 -1.85 -14.02 16.15
N VAL D 23 -2.71 -14.20 15.17
CA VAL D 23 -3.04 -15.50 14.64
C VAL D 23 -2.76 -15.49 13.16
N LYS D 24 -2.18 -16.58 12.65
CA LYS D 24 -1.80 -16.64 11.23
C LYS D 24 -2.35 -17.87 10.55
N TYR D 25 -2.57 -17.73 9.24
CA TYR D 25 -2.88 -18.85 8.38
C TYR D 25 -1.57 -19.38 7.86
N GLY D 26 -1.44 -20.70 7.82
CA GLY D 26 -0.22 -21.35 7.39
C GLY D 26 -0.44 -22.77 6.93
N LYS D 27 0.67 -23.43 6.60
CA LYS D 27 0.64 -24.80 6.15
C LYS D 27 1.52 -25.64 7.05
N TRP D 28 1.14 -26.89 7.23
CA TRP D 28 1.93 -27.83 7.99
C TRP D 28 2.51 -28.72 6.91
N ARG D 29 3.82 -28.87 6.91
CA ARG D 29 4.52 -29.63 5.88
C ARG D 29 4.10 -29.25 4.45
N GLY D 30 3.83 -27.96 4.28
CA GLY D 30 3.55 -27.36 3.00
C GLY D 30 2.29 -27.76 2.28
N GLN D 31 1.50 -28.64 2.87
CA GLN D 31 0.28 -29.08 2.20
C GLN D 31 -1.01 -28.92 2.96
N TYR D 32 -0.94 -29.03 4.29
CA TYR D 32 -2.13 -28.95 5.09
C TYR D 32 -2.39 -27.59 5.71
N ASP D 33 -3.57 -27.04 5.42
CA ASP D 33 -3.97 -25.73 5.94
C ASP D 33 -4.13 -25.77 7.46
N VAL D 34 -3.63 -24.74 8.12
CA VAL D 34 -3.74 -24.62 9.56
C VAL D 34 -3.79 -23.15 9.97
N ALA D 35 -4.22 -22.93 11.21
CA ALA D 35 -4.26 -21.62 11.82
C ALA D 35 -3.30 -21.76 12.98
N ILE D 36 -2.49 -20.73 13.23
CA ILE D 36 -1.46 -20.78 14.24
C ILE D 36 -1.59 -19.60 15.15
N LYS D 37 -1.83 -19.83 16.42
CA LYS D 37 -1.87 -18.74 17.37
C LYS D 37 -0.42 -18.56 17.78
N MET D 38 0.14 -17.44 17.65
CA MET D 38 1.52 -17.21 18.02
C MET D 38 1.37 -16.45 19.32
N ILE D 39 1.34 -17.13 20.39
CA ILE D 39 1.04 -16.55 21.68
C ILE D 39 1.96 -15.41 22.05
N LYS D 40 1.36 -14.32 22.49
CA LYS D 40 2.10 -13.13 22.90
C LYS D 40 2.65 -13.30 24.31
N GLU D 41 3.92 -12.93 24.49
CA GLU D 41 4.50 -12.94 25.84
C GLU D 41 3.62 -12.19 26.82
N GLY D 42 3.31 -12.85 27.93
CA GLY D 42 2.53 -12.26 29.00
C GLY D 42 1.01 -12.39 28.89
N SER D 43 0.51 -12.82 27.74
CA SER D 43 -0.92 -12.92 27.54
C SER D 43 -1.60 -14.18 28.06
N MET D 44 -0.82 -15.24 28.24
CA MET D 44 -1.36 -16.52 28.65
C MET D 44 -0.54 -17.25 29.70
N SER D 45 -1.22 -18.02 30.55
CA SER D 45 -0.54 -18.83 31.53
C SER D 45 -0.36 -20.11 30.74
N GLU D 46 0.81 -20.22 30.14
CA GLU D 46 1.13 -21.29 29.22
C GLU D 46 1.34 -22.61 29.90
N ASP D 47 1.89 -22.59 31.11
CA ASP D 47 2.21 -23.85 31.78
C ASP D 47 0.96 -24.70 32.02
N GLU D 48 -0.09 -24.09 32.56
CA GLU D 48 -1.35 -24.77 32.76
C GLU D 48 -1.99 -25.16 31.43
N PHE D 49 -1.94 -24.28 30.44
CA PHE D 49 -2.52 -24.63 29.15
C PHE D 49 -1.86 -25.88 28.57
N ILE D 50 -0.53 -25.99 28.63
CA ILE D 50 0.16 -27.12 28.04
C ILE D 50 -0.34 -28.42 28.66
N GLU D 51 -0.61 -28.41 29.98
CA GLU D 51 -1.12 -29.61 30.60
C GLU D 51 -2.55 -29.87 30.17
N GLU D 52 -3.36 -28.83 30.07
CA GLU D 52 -4.77 -29.00 29.70
C GLU D 52 -4.94 -29.35 28.22
N ALA D 53 -3.95 -29.00 27.41
CA ALA D 53 -3.97 -29.33 25.98
C ALA D 53 -4.00 -30.84 25.81
N LYS D 54 -3.46 -31.56 26.78
CA LYS D 54 -3.44 -33.02 26.71
C LYS D 54 -4.87 -33.57 26.70
N VAL D 55 -5.76 -32.94 27.46
CA VAL D 55 -7.20 -33.25 27.44
C VAL D 55 -7.87 -32.74 26.17
N MET D 56 -7.59 -31.50 25.83
CA MET D 56 -8.22 -30.86 24.70
C MET D 56 -7.93 -31.57 23.38
N MET D 57 -6.79 -32.26 23.31
CA MET D 57 -6.42 -33.01 22.10
C MET D 57 -7.43 -34.11 21.82
N ASN D 58 -8.11 -34.59 22.86
CA ASN D 58 -9.07 -35.67 22.70
C ASN D 58 -10.48 -35.18 22.44
N LEU D 59 -10.67 -33.88 22.36
CA LEU D 59 -11.96 -33.30 21.98
C LEU D 59 -12.03 -33.20 20.47
N SER D 60 -12.83 -34.05 19.87
CA SER D 60 -12.94 -34.07 18.43
CA SER D 60 -12.93 -34.12 18.42
C SER D 60 -14.39 -34.22 18.04
N HIS D 61 -14.89 -33.18 17.40
CA HIS D 61 -16.24 -33.16 16.87
C HIS D 61 -16.22 -32.29 15.65
N GLU D 62 -17.00 -32.64 14.64
CA GLU D 62 -16.91 -31.92 13.38
C GLU D 62 -17.34 -30.46 13.46
N LYS D 63 -18.00 -30.07 14.56
CA LYS D 63 -18.47 -28.68 14.73
C LYS D 63 -17.68 -27.93 15.82
N LEU D 64 -16.60 -28.55 16.29
CA LEU D 64 -15.59 -27.92 17.15
C LEU D 64 -14.39 -27.62 16.33
N VAL D 65 -13.79 -26.44 16.46
CA VAL D 65 -12.57 -26.17 15.74
C VAL D 65 -11.58 -27.20 16.30
N GLN D 66 -10.88 -27.90 15.44
CA GLN D 66 -9.96 -28.94 15.88
C GLN D 66 -8.58 -28.47 16.29
N LEU D 67 -8.14 -28.93 17.45
CA LEU D 67 -6.81 -28.63 17.93
C LEU D 67 -5.94 -29.70 17.29
N TYR D 68 -4.92 -29.25 16.58
CA TYR D 68 -4.01 -30.16 15.87
C TYR D 68 -2.79 -30.43 16.74
N GLY D 69 -2.35 -29.44 17.49
CA GLY D 69 -1.19 -29.63 18.35
C GLY D 69 -0.63 -28.32 18.87
N VAL D 70 0.54 -28.42 19.49
CA VAL D 70 1.15 -27.30 20.19
CA VAL D 70 1.15 -27.29 20.20
C VAL D 70 2.65 -27.33 20.01
N CYS D 71 3.27 -26.17 19.85
CA CYS D 71 4.72 -26.08 19.79
C CYS D 71 5.18 -25.61 21.16
N THR D 72 5.77 -26.51 21.94
CA THR D 72 6.12 -26.20 23.33
C THR D 72 7.61 -26.25 23.63
N LYS D 73 8.43 -26.60 22.65
CA LYS D 73 9.89 -26.60 22.82
C LYS D 73 10.40 -25.21 22.52
N GLN D 74 9.68 -24.24 23.04
CA GLN D 74 9.91 -22.85 22.71
C GLN D 74 9.01 -22.01 23.58
N ARG D 75 9.35 -20.75 23.73
CA ARG D 75 8.51 -19.83 24.44
C ARG D 75 8.53 -18.47 23.75
N PRO D 76 7.36 -17.87 23.55
CA PRO D 76 6.07 -18.43 23.95
C PRO D 76 5.66 -19.50 22.93
N ILE D 77 4.68 -20.32 23.32
CA ILE D 77 4.22 -21.41 22.48
C ILE D 77 3.37 -21.00 21.28
N PHE D 78 3.14 -21.96 20.41
CA PHE D 78 2.29 -21.84 19.25
C PHE D 78 1.15 -22.83 19.47
N ILE D 79 -0.08 -22.46 19.10
CA ILE D 79 -1.23 -23.35 19.17
C ILE D 79 -1.74 -23.52 17.74
N ILE D 80 -1.73 -24.77 17.26
CA ILE D 80 -2.11 -25.09 15.90
C ILE D 80 -3.47 -25.74 15.85
N THR D 81 -4.33 -25.17 15.01
CA THR D 81 -5.69 -25.64 14.86
C THR D 81 -6.14 -25.66 13.42
N GLU D 82 -7.33 -26.18 13.26
CA GLU D 82 -7.99 -26.24 11.98
C GLU D 82 -8.18 -24.78 11.52
N TYR D 83 -8.16 -24.58 10.20
CA TYR D 83 -8.33 -23.26 9.61
C TYR D 83 -9.75 -23.05 9.13
N MET D 84 -10.33 -21.90 9.47
CA MET D 84 -11.68 -21.54 9.07
C MET D 84 -11.59 -20.32 8.17
N ALA D 85 -11.82 -20.54 6.88
CA ALA D 85 -11.66 -19.53 5.84
C ALA D 85 -12.50 -18.28 5.93
N ASN D 86 -13.71 -18.38 6.46
CA ASN D 86 -14.59 -17.22 6.51
C ASN D 86 -14.56 -16.46 7.84
N GLY D 87 -13.64 -16.86 8.73
CA GLY D 87 -13.42 -16.07 9.91
C GLY D 87 -14.52 -16.14 10.93
N CYS D 88 -14.62 -15.08 11.71
CA CYS D 88 -15.52 -14.95 12.83
CA CYS D 88 -15.53 -15.16 12.84
C CYS D 88 -16.99 -14.94 12.43
N LEU D 89 -17.84 -15.70 13.09
CA LEU D 89 -19.26 -15.71 12.82
C LEU D 89 -19.85 -14.32 12.93
N LEU D 90 -19.41 -13.55 13.92
CA LEU D 90 -20.00 -12.25 14.12
C LEU D 90 -19.83 -11.38 12.86
N ASN D 91 -18.62 -11.32 12.30
CA ASN D 91 -18.40 -10.57 11.08
C ASN D 91 -19.10 -11.18 9.87
N TYR D 92 -19.17 -12.51 9.81
CA TYR D 92 -19.83 -13.21 8.74
C TYR D 92 -21.31 -12.83 8.67
N LEU D 93 -21.96 -12.78 9.84
CA LEU D 93 -23.38 -12.38 9.92
C LEU D 93 -23.58 -10.95 9.44
N ARG D 94 -22.70 -10.07 9.88
CA ARG D 94 -22.82 -8.65 9.57
C ARG D 94 -22.53 -8.37 8.09
N GLU D 95 -21.60 -9.12 7.52
CA GLU D 95 -21.26 -9.01 6.09
C GLU D 95 -22.37 -9.58 5.23
N MET D 96 -22.87 -10.72 5.61
CA MET D 96 -23.96 -11.32 4.96
C MET D 96 -25.07 -10.92 5.88
N ARG D 97 -26.02 -10.19 5.43
CA ARG D 97 -27.12 -9.76 6.27
C ARG D 97 -28.41 -10.33 5.72
N HIS D 98 -28.74 -9.90 4.52
CA HIS D 98 -29.97 -10.35 3.90
C HIS D 98 -29.73 -11.46 2.92
N ARG D 99 -28.49 -11.93 2.83
CA ARG D 99 -28.19 -13.00 1.91
C ARG D 99 -28.60 -14.34 2.55
N PHE D 100 -29.02 -14.30 3.82
CA PHE D 100 -29.41 -15.50 4.55
C PHE D 100 -30.90 -15.74 4.66
N GLN D 101 -31.34 -16.93 4.24
CA GLN D 101 -32.72 -17.32 4.40
C GLN D 101 -32.82 -17.75 5.86
N THR D 102 -34.00 -17.69 6.46
CA THR D 102 -34.15 -18.08 7.86
C THR D 102 -33.76 -19.56 8.10
N GLN D 103 -33.95 -20.44 7.11
CA GLN D 103 -33.52 -21.83 7.25
C GLN D 103 -32.01 -21.94 7.46
N GLN D 104 -31.28 -21.05 6.80
CA GLN D 104 -29.83 -21.03 6.91
C GLN D 104 -29.41 -20.58 8.32
N LEU D 105 -30.14 -19.62 8.88
CA LEU D 105 -29.87 -19.14 10.23
C LEU D 105 -30.06 -20.26 11.24
N LEU D 106 -31.11 -21.05 11.09
CA LEU D 106 -31.35 -22.12 12.04
C LEU D 106 -30.31 -23.20 11.93
N GLU D 107 -29.83 -23.48 10.72
CA GLU D 107 -28.81 -24.50 10.57
C GLU D 107 -27.50 -24.05 11.25
N MET D 108 -27.21 -22.75 11.23
CA MET D 108 -26.04 -22.23 11.95
C MET D 108 -26.19 -22.46 13.45
N CYS D 109 -27.39 -22.23 13.98
CA CYS D 109 -27.67 -22.51 15.38
C CYS D 109 -27.49 -23.99 15.70
N LYS D 110 -27.97 -24.84 14.78
CA LYS D 110 -27.82 -26.28 14.92
C LYS D 110 -26.34 -26.70 15.01
N ASP D 111 -25.51 -26.16 14.11
CA ASP D 111 -24.08 -26.44 14.09
C ASP D 111 -23.47 -26.20 15.49
N VAL D 112 -23.72 -25.02 16.04
CA VAL D 112 -23.19 -24.66 17.35
C VAL D 112 -23.75 -25.57 18.43
N CYS D 113 -25.05 -25.87 18.35
CA CYS D 113 -25.66 -26.72 19.36
C CYS D 113 -25.06 -28.15 19.35
N GLU D 114 -24.71 -28.64 18.17
CA GLU D 114 -24.06 -29.97 18.05
C GLU D 114 -22.71 -29.95 18.75
N ALA D 115 -21.93 -28.91 18.52
CA ALA D 115 -20.65 -28.77 19.21
C ALA D 115 -20.84 -28.74 20.71
N MET D 116 -21.82 -27.96 21.16
CA MET D 116 -22.00 -27.79 22.59
C MET D 116 -22.61 -29.02 23.27
N GLU D 117 -23.44 -29.77 22.54
CA GLU D 117 -23.92 -31.06 23.04
C GLU D 117 -22.73 -31.99 23.27
N TYR D 118 -21.75 -31.96 22.36
CA TYR D 118 -20.56 -32.79 22.52
C TYR D 118 -19.77 -32.35 23.74
N LEU D 119 -19.50 -31.05 23.87
CA LEU D 119 -18.78 -30.59 25.04
C LEU D 119 -19.52 -30.92 26.33
N GLU D 120 -20.84 -30.77 26.34
CA GLU D 120 -21.65 -31.11 27.50
C GLU D 120 -21.47 -32.58 27.87
N SER D 121 -21.39 -33.45 26.85
CA SER D 121 -21.25 -34.88 27.08
C SER D 121 -19.90 -35.21 27.70
N LYS D 122 -18.93 -34.30 27.51
CA LYS D 122 -17.59 -34.45 28.07
C LYS D 122 -17.38 -33.62 29.34
N GLN D 123 -18.46 -33.03 29.87
CA GLN D 123 -18.42 -32.20 31.05
C GLN D 123 -17.36 -31.10 30.92
N PHE D 124 -17.34 -30.48 29.75
CA PHE D 124 -16.32 -29.51 29.40
C PHE D 124 -17.00 -28.17 29.12
N LEU D 125 -16.67 -27.15 29.90
CA LEU D 125 -17.31 -25.84 29.75
C LEU D 125 -16.60 -24.97 28.75
N HIS D 126 -17.39 -24.25 27.97
CA HIS D 126 -16.78 -23.23 27.10
C HIS D 126 -16.31 -22.02 27.89
N ARG D 127 -17.24 -21.39 28.60
CA ARG D 127 -17.04 -20.25 29.51
C ARG D 127 -17.05 -18.87 28.83
N ASP D 128 -17.04 -18.81 27.50
CA ASP D 128 -17.17 -17.54 26.77
C ASP D 128 -17.80 -17.82 25.41
N LEU D 129 -18.93 -18.50 25.45
CA LEU D 129 -19.65 -18.77 24.22
C LEU D 129 -20.39 -17.51 23.74
N ALA D 130 -20.20 -17.19 22.46
CA ALA D 130 -20.75 -15.99 21.83
C ALA D 130 -20.40 -16.09 20.36
N ALA D 131 -21.10 -15.33 19.50
CA ALA D 131 -20.81 -15.39 18.08
C ALA D 131 -19.37 -15.02 17.77
N ARG D 132 -18.78 -14.14 18.56
CA ARG D 132 -17.40 -13.73 18.33
C ARG D 132 -16.43 -14.90 18.49
N ASN D 133 -16.85 -15.92 19.24
CA ASN D 133 -16.02 -17.08 19.49
C ASN D 133 -16.40 -18.31 18.67
N CYS D 134 -17.05 -18.06 17.55
CA CYS D 134 -17.43 -19.08 16.61
C CYS D 134 -16.78 -18.66 15.29
N LEU D 135 -16.36 -19.64 14.50
CA LEU D 135 -15.73 -19.38 13.22
C LEU D 135 -16.52 -20.08 12.13
N VAL D 136 -16.31 -19.65 10.89
CA VAL D 136 -17.05 -20.16 9.73
C VAL D 136 -16.06 -20.61 8.67
N ASN D 137 -16.28 -21.81 8.14
CA ASN D 137 -15.38 -22.31 7.09
C ASN D 137 -15.91 -22.10 5.69
N ASP D 138 -15.27 -22.72 4.71
CA ASP D 138 -15.62 -22.53 3.31
C ASP D 138 -16.89 -23.25 2.86
N GLN D 139 -17.54 -23.92 3.80
CA GLN D 139 -18.82 -24.55 3.53
C GLN D 139 -19.94 -23.72 4.17
N GLY D 140 -19.58 -22.63 4.84
CA GLY D 140 -20.57 -21.86 5.56
C GLY D 140 -20.93 -22.54 6.87
N VAL D 141 -20.14 -23.54 7.28
CA VAL D 141 -20.36 -24.26 8.54
C VAL D 141 -19.79 -23.47 9.69
N VAL D 142 -20.57 -23.36 10.75
CA VAL D 142 -20.16 -22.68 11.98
C VAL D 142 -19.55 -23.71 12.93
N LYS D 143 -18.37 -23.38 13.45
CA LYS D 143 -17.73 -24.22 14.46
C LYS D 143 -17.35 -23.39 15.68
N VAL D 144 -17.40 -24.03 16.84
CA VAL D 144 -17.11 -23.39 18.11
C VAL D 144 -15.61 -23.37 18.37
N SER D 145 -15.11 -22.20 18.75
CA SER D 145 -13.69 -21.95 18.93
C SER D 145 -13.34 -21.53 20.36
N ASP D 146 -12.13 -21.87 20.76
CA ASP D 146 -11.52 -21.40 22.02
C ASP D 146 -12.34 -21.73 23.24
N PHE D 147 -12.96 -22.88 23.19
CA PHE D 147 -13.63 -23.48 24.33
C PHE D 147 -12.62 -23.78 25.45
N GLY D 148 -12.98 -23.34 26.66
CA GLY D 148 -12.16 -23.56 27.84
C GLY D 148 -10.95 -22.64 27.96
N MET D 149 -10.74 -21.77 26.99
CA MET D 149 -9.51 -21.00 26.96
C MET D 149 -9.50 -19.79 27.91
N THR D 150 -10.66 -19.39 28.44
CA THR D 150 -10.73 -18.30 29.40
C THR D 150 -9.84 -18.58 30.60
N ARG D 151 -9.69 -19.87 30.90
CA ARG D 151 -8.90 -20.29 32.06
C ARG D 151 -7.50 -19.75 32.04
N PHE D 152 -6.95 -19.51 30.86
CA PHE D 152 -5.51 -19.21 30.75
CA PHE D 152 -5.52 -19.22 30.74
C PHE D 152 -5.23 -17.75 30.48
N VAL D 153 -6.25 -16.92 30.50
CA VAL D 153 -6.11 -15.50 30.21
C VAL D 153 -5.48 -14.76 31.37
N LEU D 154 -4.39 -14.04 31.07
CA LEU D 154 -3.80 -13.08 32.03
C LEU D 154 -4.18 -11.66 31.63
N ASP D 155 -5.32 -11.20 32.13
CA ASP D 155 -5.85 -9.88 31.83
C ASP D 155 -7.00 -9.64 32.80
N ASP D 156 -6.76 -8.80 33.81
CA ASP D 156 -7.74 -8.60 34.85
C ASP D 156 -9.03 -7.96 34.35
N GLU D 157 -8.94 -7.21 33.26
CA GLU D 157 -10.13 -6.55 32.72
C GLU D 157 -11.05 -7.57 32.07
N TYR D 158 -10.50 -8.74 31.72
CA TYR D 158 -11.31 -9.82 31.13
C TYR D 158 -11.79 -10.86 32.13
N THR D 159 -10.92 -11.20 33.08
CA THR D 159 -11.19 -12.31 34.00
C THR D 159 -12.09 -11.89 35.17
N SER D 160 -12.07 -10.61 35.52
CA SER D 160 -12.94 -10.08 36.57
C SER D 160 -14.30 -9.67 36.01
N SER D 161 -15.38 -10.10 36.67
CA SER D 161 -16.73 -9.75 36.22
C SER D 161 -16.99 -8.24 36.23
N THR D 162 -16.18 -7.49 36.97
CA THR D 162 -16.29 -6.04 36.98
C THR D 162 -15.35 -5.37 35.97
N GLY D 163 -14.59 -6.17 35.22
CA GLY D 163 -13.67 -5.63 34.24
C GLY D 163 -14.36 -5.20 32.97
N THR D 164 -13.68 -4.34 32.20
CA THR D 164 -14.24 -3.76 30.99
C THR D 164 -14.37 -4.76 29.85
N LYS D 165 -13.71 -5.91 29.99
CA LYS D 165 -13.69 -6.88 28.91
C LYS D 165 -14.49 -8.14 29.23
N PHE D 166 -15.01 -8.23 30.45
CA PHE D 166 -15.75 -9.43 30.87
C PHE D 166 -17.03 -9.51 30.03
N PRO D 167 -17.37 -10.72 29.57
CA PRO D 167 -18.53 -10.86 28.68
C PRO D 167 -19.87 -10.84 29.41
N VAL D 168 -20.14 -9.70 30.05
CA VAL D 168 -21.34 -9.52 30.86
C VAL D 168 -22.63 -9.83 30.12
N LYS D 169 -22.74 -9.41 28.87
CA LYS D 169 -24.01 -9.49 28.15
C LYS D 169 -24.34 -10.90 27.66
N TRP D 170 -23.44 -11.84 27.90
CA TRP D 170 -23.65 -13.25 27.63
C TRP D 170 -23.73 -14.09 28.90
N ALA D 171 -23.57 -13.45 30.06
CA ALA D 171 -23.41 -14.13 31.34
C ALA D 171 -24.74 -14.33 32.07
N SER D 172 -24.94 -15.54 32.56
CA SER D 172 -26.13 -15.86 33.34
C SER D 172 -26.08 -15.15 34.69
N PRO D 173 -27.26 -15.01 35.32
CA PRO D 173 -27.28 -14.31 36.61
C PRO D 173 -26.35 -14.92 37.64
N GLU D 174 -26.23 -16.23 37.69
CA GLU D 174 -25.41 -16.86 38.71
C GLU D 174 -23.91 -16.69 38.39
N VAL D 175 -23.54 -16.48 37.12
CA VAL D 175 -22.16 -16.09 36.83
C VAL D 175 -21.90 -14.69 37.36
N LEU D 176 -22.83 -13.77 37.12
CA LEU D 176 -22.59 -12.39 37.51
C LEU D 176 -22.63 -12.22 39.03
N MET D 177 -23.50 -12.98 39.70
CA MET D 177 -23.63 -12.83 41.15
C MET D 177 -22.60 -13.65 41.93
N TYR D 178 -22.31 -14.86 41.47
CA TYR D 178 -21.51 -15.83 42.24
C TYR D 178 -20.33 -16.45 41.50
N SER D 179 -20.09 -16.05 40.26
CA SER D 179 -19.05 -16.68 39.44
C SER D 179 -19.26 -18.20 39.38
N LYS D 180 -20.52 -18.62 39.30
CA LYS D 180 -20.89 -20.03 39.23
C LYS D 180 -21.05 -20.51 37.79
N PHE D 181 -19.98 -21.06 37.23
CA PHE D 181 -19.98 -21.60 35.87
C PHE D 181 -20.41 -23.05 35.84
N SER D 182 -21.18 -23.41 34.83
CA SER D 182 -21.63 -24.77 34.64
C SER D 182 -22.12 -24.93 33.20
N SER D 183 -22.53 -26.12 32.79
CA SER D 183 -23.06 -26.24 31.45
CA SER D 183 -23.14 -26.33 31.49
C SER D 183 -24.32 -25.36 31.34
N LYS D 184 -25.00 -25.09 32.45
CA LYS D 184 -26.17 -24.21 32.40
C LYS D 184 -25.84 -22.74 32.15
N SER D 185 -24.63 -22.27 32.50
CA SER D 185 -24.24 -20.91 32.10
C SER D 185 -23.84 -20.91 30.60
N ASP D 186 -23.28 -22.01 30.11
CA ASP D 186 -23.05 -22.14 28.65
C ASP D 186 -24.41 -22.13 27.92
N ILE D 187 -25.44 -22.74 28.50
CA ILE D 187 -26.75 -22.76 27.88
C ILE D 187 -27.28 -21.32 27.75
N TRP D 188 -27.17 -20.55 28.84
CA TRP D 188 -27.62 -19.16 28.80
C TRP D 188 -26.92 -18.42 27.66
N ALA D 189 -25.59 -18.55 27.58
CA ALA D 189 -24.85 -17.86 26.54
C ALA D 189 -25.25 -18.32 25.14
N PHE D 190 -25.55 -19.61 24.99
CA PHE D 190 -25.99 -20.12 23.70
C PHE D 190 -27.30 -19.44 23.25
N GLY D 191 -28.21 -19.18 24.19
CA GLY D 191 -29.42 -18.48 23.86
C GLY D 191 -29.09 -17.10 23.33
N VAL D 192 -28.14 -16.42 23.97
CA VAL D 192 -27.74 -15.09 23.46
C VAL D 192 -27.10 -15.24 22.07
N LEU D 193 -26.30 -16.28 21.86
CA LEU D 193 -25.71 -16.52 20.56
C LEU D 193 -26.79 -16.74 19.47
N MET D 194 -27.83 -17.51 19.78
CA MET D 194 -28.92 -17.68 18.83
C MET D 194 -29.54 -16.34 18.49
N TRP D 195 -29.71 -15.49 19.51
CA TRP D 195 -30.23 -14.14 19.28
C TRP D 195 -29.30 -13.34 18.37
N GLU D 196 -28.00 -13.44 18.59
CA GLU D 196 -27.05 -12.79 17.70
C GLU D 196 -27.21 -13.25 16.25
N ILE D 197 -27.36 -14.56 16.05
CA ILE D 197 -27.52 -15.09 14.70
C ILE D 197 -28.77 -14.53 14.05
N TYR D 198 -29.90 -14.59 14.75
CA TYR D 198 -31.16 -14.15 14.16
C TYR D 198 -31.26 -12.61 14.04
N SER D 199 -30.43 -11.88 14.77
CA SER D 199 -30.29 -10.44 14.63
CA SER D 199 -30.34 -10.43 14.60
C SER D 199 -29.21 -10.02 13.65
N LEU D 200 -28.64 -11.00 12.94
CA LEU D 200 -27.57 -10.74 11.98
C LEU D 200 -26.41 -9.95 12.59
N GLY D 201 -26.06 -10.30 13.82
CA GLY D 201 -24.87 -9.80 14.44
C GLY D 201 -25.04 -8.53 15.24
N LYS D 202 -26.28 -8.15 15.53
CA LYS D 202 -26.50 -7.00 16.43
C LYS D 202 -25.91 -7.29 17.82
N MET D 203 -25.39 -6.26 18.48
CA MET D 203 -24.98 -6.40 19.87
C MET D 203 -26.19 -6.57 20.79
N PRO D 204 -26.18 -7.60 21.64
CA PRO D 204 -27.28 -7.70 22.61
C PRO D 204 -27.25 -6.58 23.63
N TYR D 205 -28.41 -6.11 24.06
CA TYR D 205 -28.48 -5.06 25.07
CA TYR D 205 -28.45 -5.06 25.07
C TYR D 205 -27.57 -3.88 24.67
N GLU D 206 -27.62 -3.51 23.39
CA GLU D 206 -26.72 -2.50 22.86
C GLU D 206 -26.88 -1.15 23.61
N ARG D 207 -28.11 -0.85 23.99
CA ARG D 207 -28.43 0.38 24.72
C ARG D 207 -27.84 0.47 26.12
N PHE D 208 -27.79 -0.68 26.79
CA PHE D 208 -27.30 -0.80 28.16
C PHE D 208 -25.81 -0.93 28.45
N THR D 209 -25.45 -0.45 29.63
CA THR D 209 -24.12 -0.58 30.17
C THR D 209 -24.11 -1.98 30.77
N ASN D 210 -22.95 -2.49 31.14
CA ASN D 210 -22.88 -3.82 31.73
C ASN D 210 -23.66 -3.89 33.04
N SER D 211 -23.57 -2.84 33.84
CA SER D 211 -24.24 -2.85 35.13
C SER D 211 -25.76 -2.77 34.92
N GLU D 212 -26.20 -2.01 33.91
CA GLU D 212 -27.62 -1.94 33.56
C GLU D 212 -28.12 -3.30 33.07
N THR D 213 -27.30 -4.00 32.29
CA THR D 213 -27.65 -5.34 31.83
C THR D 213 -27.81 -6.32 33.00
N ALA D 214 -26.87 -6.30 33.94
CA ALA D 214 -26.93 -7.19 35.10
C ALA D 214 -28.23 -6.95 35.90
N GLU D 215 -28.58 -5.68 36.06
CA GLU D 215 -29.81 -5.30 36.74
CA GLU D 215 -29.81 -5.30 36.74
C GLU D 215 -31.03 -5.78 35.98
N HIS D 216 -31.01 -5.58 34.66
CA HIS D 216 -32.10 -5.97 33.77
C HIS D 216 -32.40 -7.47 33.90
N ILE D 217 -31.36 -8.29 33.76
CA ILE D 217 -31.62 -9.73 33.80
C ILE D 217 -31.97 -10.18 35.22
N ALA D 218 -31.48 -9.48 36.24
CA ALA D 218 -31.81 -9.86 37.61
C ALA D 218 -33.30 -9.68 37.88
N GLN D 219 -33.90 -8.70 37.24
CA GLN D 219 -35.34 -8.41 37.37
C GLN D 219 -36.23 -9.30 36.50
N GLY D 220 -35.64 -10.27 35.81
CA GLY D 220 -36.42 -11.14 34.94
C GLY D 220 -36.63 -10.66 33.52
N LEU D 221 -35.97 -9.58 33.15
CA LEU D 221 -36.06 -9.04 31.79
C LEU D 221 -35.09 -9.77 30.87
N ARG D 222 -35.42 -9.82 29.59
CA ARG D 222 -34.64 -10.56 28.60
C ARG D 222 -34.50 -9.82 27.27
N LEU D 223 -34.05 -10.54 26.24
CA LEU D 223 -33.90 -9.96 24.91
C LEU D 223 -35.20 -10.14 24.13
N PRO D 224 -35.51 -9.18 23.25
CA PRO D 224 -36.69 -9.27 22.42
C PRO D 224 -36.53 -10.25 21.27
N ARG D 225 -37.64 -10.56 20.61
CA ARG D 225 -37.61 -11.47 19.47
C ARG D 225 -37.13 -10.78 18.20
N PRO D 226 -36.01 -11.26 17.61
CA PRO D 226 -35.64 -10.74 16.30
C PRO D 226 -36.71 -11.12 15.29
N HIS D 227 -37.08 -10.25 14.36
CA HIS D 227 -38.26 -10.60 13.57
C HIS D 227 -38.02 -11.78 12.63
N LEU D 228 -36.75 -12.06 12.31
CA LEU D 228 -36.47 -13.21 11.44
C LEU D 228 -36.65 -14.54 12.20
N ALA D 229 -36.78 -14.49 13.51
CA ALA D 229 -37.04 -15.66 14.31
C ALA D 229 -38.55 -15.82 14.50
N SER D 230 -39.06 -16.98 14.11
CA SER D 230 -40.44 -17.35 14.44
C SER D 230 -40.61 -17.52 15.94
N GLU D 231 -41.85 -17.62 16.42
CA GLU D 231 -42.06 -17.87 17.83
C GLU D 231 -41.44 -19.22 18.23
N ARG D 232 -41.42 -20.19 17.33
CA ARG D 232 -40.82 -21.48 17.66
C ARG D 232 -39.33 -21.37 17.88
N VAL D 233 -38.67 -20.61 17.02
CA VAL D 233 -37.23 -20.36 17.16
C VAL D 233 -37.00 -19.52 18.43
N TYR D 234 -37.76 -18.45 18.60
CA TYR D 234 -37.57 -17.64 19.81
C TYR D 234 -37.78 -18.44 21.11
N ALA D 235 -38.73 -19.35 21.10
CA ALA D 235 -38.97 -20.17 22.27
C ALA D 235 -37.72 -20.95 22.68
N ILE D 236 -36.96 -21.40 21.69
CA ILE D 236 -35.71 -22.13 21.95
C ILE D 236 -34.69 -21.23 22.63
N MET D 237 -34.42 -20.07 22.05
CA MET D 237 -33.41 -19.21 22.64
C MET D 237 -33.92 -18.75 24.03
N TYR D 238 -35.22 -18.45 24.14
CA TYR D 238 -35.75 -17.93 25.40
C TYR D 238 -35.65 -18.95 26.51
N SER D 239 -35.80 -20.24 26.18
CA SER D 239 -35.76 -21.30 27.18
C SER D 239 -34.40 -21.38 27.84
N CYS D 240 -33.39 -20.83 27.18
CA CYS D 240 -32.04 -20.81 27.70
C CYS D 240 -31.84 -19.86 28.86
N TRP D 241 -32.84 -18.99 29.08
CA TRP D 241 -32.68 -17.88 30.01
C TRP D 241 -33.54 -18.03 31.24
N HIS D 242 -33.90 -19.27 31.61
CA HIS D 242 -34.59 -19.46 32.88
C HIS D 242 -33.74 -18.91 34.02
N GLU D 243 -34.39 -18.23 34.95
CA GLU D 243 -33.71 -17.70 36.10
C GLU D 243 -32.95 -18.80 36.84
N LYS D 244 -33.64 -19.92 37.07
CA LYS D 244 -33.08 -21.05 37.77
C LYS D 244 -32.29 -21.91 36.79
N ALA D 245 -30.99 -22.03 37.03
CA ALA D 245 -30.11 -22.77 36.13
C ALA D 245 -30.59 -24.18 35.89
N ASP D 246 -31.07 -24.87 36.95
CA ASP D 246 -31.49 -26.26 36.77
C ASP D 246 -32.75 -26.41 35.93
N GLU D 247 -33.46 -25.31 35.64
CA GLU D 247 -34.64 -25.38 34.77
C GLU D 247 -34.33 -25.07 33.31
N ARG D 248 -33.06 -24.80 33.04
CA ARG D 248 -32.64 -24.57 31.68
C ARG D 248 -32.44 -25.92 31.02
N PRO D 249 -32.78 -25.97 29.69
CA PRO D 249 -32.59 -27.27 29.05
C PRO D 249 -31.12 -27.62 28.84
N THR D 250 -30.86 -28.87 28.51
CA THR D 250 -29.53 -29.34 28.20
C THR D 250 -29.33 -29.10 26.70
N PHE D 251 -28.09 -29.11 26.25
CA PHE D 251 -27.83 -29.00 24.82
C PHE D 251 -28.41 -30.17 24.02
N LYS D 252 -28.54 -31.34 24.63
CA LYS D 252 -29.20 -32.46 23.97
C LYS D 252 -30.65 -32.13 23.67
N ILE D 253 -31.33 -31.56 24.65
CA ILE D 253 -32.72 -31.15 24.48
C ILE D 253 -32.83 -30.01 23.48
N LEU D 254 -31.94 -29.01 23.57
CA LEU D 254 -31.99 -27.92 22.61
C LEU D 254 -31.80 -28.41 21.18
N LEU D 255 -30.89 -29.37 20.98
CA LEU D 255 -30.64 -29.85 19.62
C LEU D 255 -31.90 -30.52 19.06
N SER D 256 -32.55 -31.32 19.88
CA SER D 256 -33.79 -31.97 19.48
C SER D 256 -34.83 -30.93 19.08
N ASN D 257 -34.94 -29.89 19.91
CA ASN D 257 -35.87 -28.80 19.62
C ASN D 257 -35.58 -28.08 18.29
N ILE D 258 -34.30 -27.77 18.04
CA ILE D 258 -33.87 -27.13 16.82
C ILE D 258 -34.22 -28.02 15.62
N LEU D 259 -33.91 -29.31 15.71
CA LEU D 259 -34.20 -30.20 14.60
C LEU D 259 -35.71 -30.31 14.36
N ASP D 260 -36.51 -30.28 15.42
CA ASP D 260 -37.98 -30.26 15.26
C ASP D 260 -38.38 -29.07 14.42
N VAL D 261 -37.89 -27.89 14.79
CA VAL D 261 -38.28 -26.69 14.07
C VAL D 261 -37.73 -26.68 12.63
N MET D 262 -36.54 -27.22 12.41
CA MET D 262 -36.01 -27.29 11.06
C MET D 262 -36.97 -28.09 10.17
N ASP D 263 -37.53 -29.17 10.72
CA ASP D 263 -38.51 -29.96 9.96
C ASP D 263 -39.80 -29.20 9.73
N GLU D 264 -40.28 -28.55 10.78
CA GLU D 264 -41.57 -27.84 10.76
C GLU D 264 -41.55 -26.69 9.78
N GLU D 265 -40.43 -25.98 9.74
CA GLU D 265 -40.27 -24.81 8.90
C GLU D 265 -39.63 -25.43 7.66
N SER D 266 -39.20 -24.63 6.69
CA SER D 266 -38.63 -25.17 5.45
C SER D 266 -37.76 -26.42 5.65
C1 746 E . 8.72 10.17 -14.95
C2 746 E . 9.07 10.17 -16.30
C3 746 E . 9.84 8.99 -16.91
C4 746 E . 8.72 11.29 -17.04
C5 746 E . 8.09 12.37 -16.48
C7 746 E . 7.75 12.34 -15.14
C9 746 E . 8.06 11.24 -14.36
C11 746 E . 9.02 9.03 -14.02
N12 746 E . 9.41 9.43 -12.70
C13 746 E . 9.63 8.40 -11.76
C14 746 E . 9.53 6.95 -12.10
O15 746 E . 9.75 6.15 -11.26
N16 746 E . 9.18 6.57 -13.43
C17 746 E . 8.91 7.60 -14.41
N19 746 E . 9.16 11.27 -18.43
C21 746 E . 8.45 10.50 -19.39
O22 746 E . 7.44 9.90 -19.11
C23 746 E . 9.05 10.46 -20.79
C24 746 E . 8.31 10.12 -21.89
C26 746 E . 8.90 10.05 -23.15
C28 746 E . 10.27 10.29 -23.30
C29 746 E . 11.01 10.63 -22.18
C31 746 E . 10.41 10.68 -20.93
C33 746 E . 10.92 10.25 -24.68
C34 746 E . 11.10 11.70 -25.13
C38 746 E . 10.03 9.53 -25.67
C42 746 E . 12.28 9.55 -24.67
C46 746 E . 10.10 9.95 -9.75
N47 746 E . 10.01 8.69 -10.42
C48 746 E . 9.86 11.18 -10.35
C49 746 E . 9.94 12.32 -9.57
C50 746 E . 10.24 12.20 -8.23
C51 746 E . 10.43 10.97 -7.64
C52 746 E . 10.35 9.83 -8.39
C60 746 E . 9.11 5.19 -13.85
C71 746 E . 10.31 13.47 -7.37
O72 746 E . 9.38 14.21 -7.37
C81 746 E . 12.05 14.47 -4.29
C82 746 E . 11.65 14.88 -5.70
N83 746 E . 11.49 13.74 -6.56
C84 746 E . 12.66 12.88 -6.52
C85 746 E . 13.19 12.55 -5.13
O86 746 E . 13.19 13.65 -4.24
C1 GOL F . 20.31 -3.78 -8.21
O1 GOL F . 20.50 -4.00 -6.83
C2 GOL F . 18.81 -3.61 -8.28
O2 GOL F . 18.45 -2.24 -8.22
C3 GOL F . 18.18 -4.31 -9.45
O3 GOL F . 16.78 -4.31 -9.24
H11 GOL F . 20.83 -2.88 -8.54
H12 GOL F . 20.64 -4.64 -8.80
HO1 GOL F . 21.44 -4.19 -6.65
H2 GOL F . 18.41 -4.09 -7.38
HO2 GOL F . 18.74 -1.80 -9.03
H31 GOL F . 18.42 -3.79 -10.36
H32 GOL F . 18.54 -5.33 -9.51
HO3 GOL F . 16.45 -5.22 -9.27
C1 BME G . 8.65 2.22 -20.07
C1 BME G . 9.02 2.55 -20.36
C2 BME G . 9.75 1.66 -19.17
C2 BME G . 10.30 2.04 -19.70
O1 BME G . 8.45 3.58 -19.72
O1 BME G . 8.96 3.96 -20.22
S2 BME G . 11.33 2.36 -19.64
S2 BME G . 10.19 0.28 -19.31
H11 BME G . 7.73 1.65 -19.93
H11 BME G . 8.15 2.09 -19.89
H12 BME G . 8.95 2.15 -21.11
H12 BME G . 9.02 2.28 -21.41
H21 BME G . 9.53 1.89 -18.13
H21 BME G . 11.14 2.21 -20.37
H22 BME G . 9.78 0.57 -19.28
H22 BME G . 10.48 2.60 -18.78
HO1 BME G . 9.05 3.81 -18.99
HO1 BME G . 9.74 4.27 -19.73
HS2 BME G . 11.52 3.12 -19.08
HS2 BME G . 9.66 0.16 -18.50
C1 746 H . 15.71 -3.18 9.52
C2 746 H . 17.03 -3.09 9.83
C3 746 H . 17.81 -4.28 10.41
C4 746 H . 17.65 -1.87 9.56
C5 746 H . 16.97 -0.77 9.06
C7 746 H . 15.63 -0.91 8.77
C9 746 H . 15.00 -2.12 9.00
C11 746 H . 14.87 -4.42 9.72
N12 746 H . 13.52 -4.20 10.18
C13 746 H . 12.74 -5.38 10.32
C14 746 H . 13.25 -6.78 10.10
O15 746 H . 12.54 -7.73 10.24
N16 746 H . 14.60 -6.95 9.68
C17 746 H . 15.40 -5.79 9.49
N19 746 H . 19.04 -1.79 9.91
C21 746 H . 20.05 -2.36 9.10
O22 746 H . 19.81 -2.88 8.04
C23 746 H . 21.45 -2.26 9.67
C24 746 H . 22.55 -2.45 8.87
C26 746 H . 23.86 -2.39 9.37
C28 746 H . 24.07 -2.16 10.71
C29 746 H . 22.96 -1.98 11.53
C31 746 H . 21.67 -2.04 11.03
C33 746 H . 25.49 -2.09 11.28
C34 746 H . 25.74 -0.66 11.74
C38 746 H . 26.54 -2.43 10.24
C42 746 H . 25.61 -3.03 12.50
C46 746 H . 10.60 -4.18 10.94
N47 746 H . 11.39 -5.34 10.73
C48 746 H . 11.02 -2.86 10.86
C49 746 H . 10.12 -1.83 11.07
C50 746 H . 8.81 -2.17 11.35
C51 746 H . 8.40 -3.48 11.40
C52 746 H . 9.29 -4.50 11.20
C60 746 H . 15.17 -8.27 9.47
C71 746 H . 7.73 -1.09 11.58
O72 746 H . 7.65 -0.19 10.83
C81 746 H . 4.52 -0.47 13.65
C82 746 H . 5.78 -0.13 12.86
N83 746 H . 6.78 -1.16 12.69
C84 746 H . 6.76 -2.23 13.67
C85 746 H . 5.40 -2.54 14.29
O86 746 H . 4.73 -1.37 14.71
C1 GOL I . 25.89 9.42 38.57
O1 GOL I . 25.47 8.82 39.77
C2 GOL I . 25.32 8.65 37.38
O2 GOL I . 25.76 9.28 36.19
C3 GOL I . 25.80 7.21 37.39
O3 GOL I . 27.22 7.18 37.41
H11 GOL I . 25.54 10.46 38.54
H12 GOL I . 26.97 9.43 38.53
HO1 GOL I . 25.88 9.28 40.53
H2 GOL I . 24.24 8.66 37.43
HO2 GOL I . 26.74 9.25 36.14
H31 GOL I . 25.41 6.69 38.27
H32 GOL I . 25.45 6.69 36.50
HO3 GOL I . 27.54 7.43 38.30
C1 GOL J . 32.76 -11.72 13.06
O1 GOL J . 32.64 -10.47 13.69
C2 GOL J . 34.20 -12.20 13.09
O2 GOL J . 35.01 -11.37 12.27
C3 GOL J . 34.68 -12.16 14.53
O3 GOL J . 34.47 -13.41 15.14
H11 GOL J . 32.13 -12.45 13.57
H12 GOL J . 32.43 -11.64 12.02
HO1 GOL J . 31.72 -10.14 13.60
H2 GOL J . 34.24 -13.23 12.72
HO2 GOL J . 34.96 -10.46 12.60
H31 GOL J . 35.76 -11.93 14.55
H32 GOL J . 34.15 -11.39 15.08
HO3 GOL J . 35.31 -13.73 15.53
C1 BME K . 22.00 -10.22 8.44
C1 BME K . 21.88 -10.09 8.78
C2 BME K . 21.32 -11.26 9.31
C2 BME K . 21.38 -11.18 9.71
O1 BME K . 21.27 -9.01 8.48
O1 BME K . 21.13 -8.92 8.98
S2 BME K . 21.11 -10.71 11.03
S2 BME K . 22.38 -12.68 9.61
H11 BME K . 22.06 -10.58 7.41
H11 BME K . 21.77 -10.42 7.74
H12 BME K . 23.02 -10.05 8.79
H12 BME K . 22.94 -9.89 8.96
H21 BME K . 20.34 -11.49 8.90
H21 BME K . 21.40 -10.80 10.74
H22 BME K . 21.91 -12.18 9.31
H22 BME K . 20.34 -11.42 9.48
HO1 BME K . 20.50 -9.12 9.06
HO1 BME K . 20.47 -9.07 9.68
HS2 BME K . 20.25 -10.28 11.12
HS2 BME K . 23.21 -12.55 10.08
O1 PE4 L . 13.47 8.37 -1.28
C1 PE4 L . 14.02 7.13 -0.90
C2 PE4 L . 14.82 6.99 0.41
O2 PE4 L . 15.94 6.10 0.31
C3 PE4 L . 16.98 6.04 1.28
C4 PE4 L . 18.31 5.36 0.84
O3 PE4 L . 18.98 6.17 -0.07
C5 PE4 L . 19.82 5.66 -1.03
C6 PE4 L . 20.41 6.76 -1.87
O4 PE4 L . 21.23 7.61 -1.12
C7 PE4 L . 21.86 8.73 -1.71
C8 PE4 L . 23.23 9.02 -1.03
O5 PE4 L . 24.32 9.11 -1.91
C9 PE4 L . 25.71 8.89 -1.61
C10 PE4 L . 26.21 8.44 -0.23
O6 PE4 L . 27.01 7.25 -0.11
C11 PE4 L . 27.45 6.93 1.22
C12 PE4 L . 27.67 5.46 1.61
O7 PE4 L . 27.24 5.10 2.89
C13 PE4 L . 25.88 5.24 2.99
C14 PE4 L . 25.27 4.84 4.30
O8 PE4 L . 23.91 4.72 4.24
C15 PE4 L . 23.20 5.84 3.97
C16 PE4 L . 21.72 5.57 4.01
HO1 PE4 L . 13.65 8.53 -2.09
H11 PE4 L . 13.28 6.52 -0.85
H12 PE4 L . 14.60 6.85 -1.62
H21 PE4 L . 15.14 7.86 0.66
H22 PE4 L . 14.24 6.66 1.10
H31 PE4 L . 17.19 6.95 1.55
H32 PE4 L . 16.65 5.58 2.07
H41 PE4 L . 18.87 5.22 1.61
H42 PE4 L . 18.12 4.52 0.42
H51 PE4 L . 20.53 5.18 -0.60
H52 PE4 L . 19.34 5.06 -1.61
H61 PE4 L . 20.94 6.37 -2.59
H62 PE4 L . 19.69 7.28 -2.26
H71 PE4 L . 22.00 8.55 -2.65
H72 PE4 L . 21.28 9.49 -1.62
H81 PE4 L . 23.15 9.86 -0.56
H82 PE4 L . 23.41 8.33 -0.39
H91 PE4 L . 26.06 8.28 -2.26
H92 PE4 L . 26.13 9.75 -1.77
H101 PE4 L . 26.77 9.15 0.11
H102 PE4 L . 25.45 8.35 0.34
H111 PE4 L . 28.28 7.38 1.35
H112 PE4 L . 26.80 7.30 1.84
H121 PE4 L . 27.20 4.91 0.97
H122 PE4 L . 28.61 5.27 1.55
H131 PE4 L . 25.66 6.17 2.82
H132 PE4 L . 25.46 4.71 2.31
H141 PE4 L . 25.65 3.99 4.57
H142 PE4 L . 25.49 5.50 4.96
H151 PE4 L . 23.42 6.51 4.62
H152 PE4 L . 23.45 6.15 3.08
H161 PE4 L . 21.54 4.75 3.55
H162 PE4 L . 21.43 5.49 4.92
H163 PE4 L . 21.24 6.29 3.56
C1 746 M . -16.35 21.30 -9.49
C2 746 M . -17.69 21.31 -9.79
C3 746 M . -18.40 20.08 -10.36
C4 746 M . -18.38 22.48 -9.51
C5 746 M . -17.76 23.62 -9.03
C7 746 M . -16.43 23.59 -8.74
C9 746 M . -15.72 22.41 -8.96
C11 746 M . -15.45 20.11 -9.69
N12 746 M . -14.13 20.42 -10.14
C13 746 M . -13.26 19.31 -10.32
C14 746 M . -13.66 17.89 -10.08
O15 746 M . -12.91 16.99 -10.25
N16 746 M . -14.99 17.61 -9.66
C17 746 M . -15.88 18.71 -9.46
N19 746 M . -19.77 22.47 -9.86
C21 746 M . -20.76 21.85 -9.06
O22 746 M . -20.49 21.32 -8.01
C23 746 M . -22.16 21.86 -9.65
C24 746 M . -23.24 21.59 -8.85
C26 746 M . -24.54 21.56 -9.36
C28 746 M . -24.77 21.81 -10.70
C29 746 M . -23.68 22.08 -11.53
C31 746 M . -22.38 22.10 -11.01
C33 746 M . -26.19 21.78 -11.27
C34 746 M . -26.55 23.20 -11.69
C38 746 M . -27.21 21.36 -10.22
C42 746 M . -26.25 20.85 -12.51
C46 746 M . -11.19 20.63 -10.94
N47 746 M . -11.90 19.41 -10.73
C48 746 M . -11.71 21.90 -10.85
C49 746 M . -10.87 23.00 -11.04
C50 746 M . -9.55 22.76 -11.32
C51 746 M . -9.05 21.47 -11.37
C52 746 M . -9.86 20.40 -11.19
C60 746 M . -15.46 16.27 -9.44
C71 746 M . -8.55 23.91 -11.53
O72 746 M . -8.54 24.80 -10.76
C81 746 M . -5.45 24.81 -13.69
C82 746 M . -6.68 25.02 -12.81
N83 746 M . -7.61 23.92 -12.64
C84 746 M . -7.53 22.86 -13.64
C85 746 M . -6.20 22.70 -14.37
O86 746 M . -5.64 23.93 -14.77
C1 GOL N . -32.87 11.53 -12.98
C1 GOL N . -32.96 11.73 -13.76
O1 GOL N . -32.66 12.80 -13.52
O1 GOL N . -32.95 13.13 -13.96
C2 GOL N . -34.32 11.16 -13.20
C2 GOL N . -34.32 11.18 -14.16
O2 GOL N . -34.56 11.08 -14.60
O2 GOL N . -34.29 10.03 -14.97
C3 GOL N . -34.69 9.86 -12.50
C3 GOL N . -35.05 10.87 -12.86
O3 GOL N . -33.96 8.77 -13.04
O3 GOL N . -35.16 12.06 -12.12
H11 GOL N . -32.21 10.80 -13.46
H11 GOL N . -32.18 11.27 -14.37
H12 GOL N . -32.65 11.53 -11.91
H12 GOL N . -32.75 11.50 -12.72
HO1 GOL N . -31.75 13.09 -13.32
HO1 GOL N . -32.10 13.50 -13.65
H2 GOL N . -34.95 11.95 -12.78
H2 GOL N . -34.87 11.98 -14.67
HO2 GOL N . -34.03 10.35 -14.99
HO2 GOL N . -33.83 9.31 -14.49
H31 GOL N . -34.49 9.94 -11.44
H31 GOL N . -36.05 10.48 -13.08
H32 GOL N . -35.75 9.66 -12.62
H32 GOL N . -34.51 10.13 -12.29
HO3 GOL N . -33.11 8.69 -12.55
HO3 GOL N . -36.10 12.37 -12.12
C1 BME O . -22.36 13.60 -8.53
C1 BME O . -22.10 13.95 -8.60
C2 BME O . -21.56 12.65 -9.43
C2 BME O . -21.59 12.99 -9.67
O1 BME O . -22.67 14.81 -9.21
O1 BME O . -21.39 15.17 -8.63
S2 BME O . -21.12 13.41 -11.00
S2 BME O . -22.53 11.43 -9.63
H11 BME O . -21.77 13.81 -7.64
H11 BME O . -21.97 13.50 -7.61
H12 BME O . -23.28 13.10 -8.22
H12 BME O . -23.15 14.14 -8.75
H21 BME O . -20.64 12.35 -8.91
H21 BME O . -21.69 13.45 -10.64
H22 BME O . -22.14 11.76 -9.62
H22 BME O . -20.54 12.77 -9.49
HO1 BME O . -22.30 14.77 -10.11
HO1 BME O . -20.72 15.14 -9.36
HS2 BME O . -20.21 13.70 -10.97
HS2 BME O . -23.46 11.61 -9.75
O1 PE4 P . -14.88 32.81 1.78
C1 PE4 P . -15.07 31.78 0.85
C2 PE4 P . -16.56 31.56 0.61
O2 PE4 P . -16.76 30.66 -0.46
C3 PE4 P . -18.07 30.62 -0.96
C4 PE4 P . -18.99 29.80 -0.04
O3 PE4 P . -20.24 30.45 0.11
C5 PE4 P . -21.12 29.81 1.00
C6 PE4 P . -21.80 30.81 1.93
O4 PE4 P . -22.65 31.70 1.24
C7 PE4 P . -23.54 32.44 2.03
C8 PE4 P . -24.70 32.98 1.18
O5 PE4 P . -25.90 33.10 1.91
C9 PE4 P . -26.85 32.05 1.82
C10 PE4 P . -27.81 32.19 0.63
O6 PE4 P . -28.36 30.94 0.27
C11 PE4 P . -28.59 30.70 -1.09
C12 PE4 P . -28.78 29.19 -1.40
O7 PE4 P . -28.47 28.84 -2.72
C13 PE4 P . -27.12 29.05 -3.02
C14 PE4 P . -26.65 28.47 -4.35
O8 PE4 P . -25.24 28.50 -4.47
C15 PE4 P . -24.52 29.55 -3.85
C16 PE4 P . -23.03 29.43 -4.22
HO1 PE4 P . -14.90 33.56 1.39
H11 PE4 P . -14.64 32.02 0.01
H12 PE4 P . -14.67 30.96 1.18
H21 PE4 P . -16.96 31.19 1.42
H22 PE4 P . -16.98 32.40 0.40
H31 PE4 P . -18.41 31.53 -1.03
H32 PE4 P . -18.06 30.22 -1.84
H41 PE4 P . -19.13 28.93 -0.43
H42 PE4 P . -18.57 29.71 0.82
H51 PE4 P . -21.79 29.34 0.49
H52 PE4 P . -20.62 29.16 1.53
H61 PE4 P . -22.33 30.33 2.59
H62 PE4 P . -21.13 31.34 2.40
H71 PE4 P . -23.90 31.87 2.74
H72 PE4 P . -23.07 33.18 2.44
H81 PE4 P . -24.46 33.86 0.84
H82 PE4 P . -24.84 32.38 0.43
H91 PE4 P . -26.37 31.21 1.73
H92 PE4 P . -27.37 32.03 2.64
H101 PE4 P . -28.52 32.81 0.88
H102 PE4 P . -27.32 32.55 -0.13
H111 PE4 P . -29.39 31.19 -1.37
H112 PE4 P . -27.83 31.03 -1.61
H121 PE4 P . -28.23 28.69 -0.79
H122 PE4 P . -29.71 28.96 -1.22
H131 PE4 P . -26.96 30.00 -3.03
H132 PE4 P . -26.59 28.65 -2.31
H141 PE4 P . -26.95 27.55 -4.41
H142 PE4 P . -27.04 28.98 -5.07
H151 PE4 P . -24.86 30.40 -4.17
H152 PE4 P . -24.62 29.49 -2.89
H161 PE4 P . -22.65 28.67 -3.75
H162 PE4 P . -22.94 29.31 -5.17
H163 PE4 P . -22.57 30.24 -3.95
C1 746 Q . -8.57 -15.95 14.91
C2 746 Q . -8.93 -15.97 16.24
C3 746 Q . -9.64 -17.18 16.85
C4 746 Q . -8.65 -14.83 17.00
C5 746 Q . -8.07 -13.72 16.45
C7 746 Q . -7.71 -13.73 15.11
C9 746 Q . -7.97 -14.85 14.33
C11 746 Q . -8.80 -17.10 13.96
N12 746 Q . -9.20 -16.74 12.65
C13 746 Q . -9.36 -17.75 11.69
C14 746 Q . -9.15 -19.19 12.03
O15 746 Q . -9.31 -20.00 11.18
N16 746 Q . -8.78 -19.54 13.36
C17 746 Q . -8.59 -18.51 14.37
N19 746 Q . -9.08 -14.88 18.38
C21 746 Q . -8.33 -15.63 19.33
O22 746 Q . -7.30 -16.16 19.08
C23 746 Q . -8.95 -15.70 20.73
C24 746 Q . -8.19 -16.02 21.84
C26 746 Q . -8.76 -16.13 23.09
C28 746 Q . -10.14 -15.94 23.23
C29 746 Q . -10.90 -15.63 22.12
C31 746 Q . -10.32 -15.53 20.86
C33 746 Q . -10.77 -16.05 24.62
C34 746 Q . -11.05 -14.62 25.07
C38 746 Q . -9.83 -16.70 25.61
C42 746 Q . -12.09 -16.83 24.61
C46 746 Q . -9.93 -16.22 9.70
N47 746 Q . -9.74 -17.48 10.35
C48 746 Q . -9.79 -14.98 10.30
C49 746 Q . -9.95 -13.84 9.53
C50 746 Q . -10.25 -13.97 8.19
C51 746 Q . -10.34 -15.22 7.59
C52 746 Q . -10.17 -16.35 8.33
C60 746 Q . -8.61 -20.91 13.76
C71 746 Q . -10.41 -12.69 7.34
O72 746 Q . -9.54 -11.88 7.36
C81 746 Q . -12.19 -11.78 4.27
C82 746 Q . -11.86 -11.35 5.70
N83 746 Q . -11.61 -12.51 6.54
C84 746 Q . -12.70 -13.46 6.47
C85 746 Q . -13.26 -13.76 5.08
O86 746 Q . -13.28 -12.67 4.19
C1 GOL R . -8.16 -23.76 20.19
O1 GOL R . -8.16 -22.42 19.73
C2 GOL R . -9.47 -24.44 19.81
O2 GOL R . -9.97 -23.98 18.58
C3 GOL R . -9.25 -25.96 19.83
O3 GOL R . -8.98 -26.38 21.17
H11 GOL R . -7.32 -24.29 19.74
H12 GOL R . -8.03 -23.78 21.27
HO1 GOL R . -7.35 -21.96 20.04
H2 GOL R . -10.19 -24.20 20.59
HO2 GOL R . -9.34 -24.21 17.86
H31 GOL R . -10.15 -26.46 19.46
H32 GOL R . -8.42 -26.23 19.18
HO3 GOL R . -9.78 -26.77 21.56
C1 GOL S . -18.51 -29.47 8.67
O1 GOL S . -17.39 -29.02 7.96
C2 GOL S . -18.87 -30.80 8.13
O2 GOL S . -19.36 -30.75 6.81
C3 GOL S . -17.60 -31.65 8.40
O3 GOL S . -16.36 -31.01 8.71
H11 GOL S . -18.21 -29.60 9.71
H12 GOL S . -19.34 -28.78 8.62
HO1 GOL S . -17.07 -28.24 8.39
H2 GOL S . -19.66 -31.19 8.76
HO2 GOL S . -18.91 -30.09 6.32
H31 GOL S . -17.83 -32.33 9.23
H32 GOL S . -17.44 -32.26 7.53
HO3 GOL S . -15.94 -31.39 9.49
C1 GOL T . -13.01 -26.53 30.59
O1 GOL T . -13.55 -25.25 30.63
C2 GOL T . -13.29 -27.26 31.88
O2 GOL T . -14.70 -27.33 32.11
C3 GOL T . -12.75 -28.66 31.78
O3 GOL T . -12.93 -29.32 33.02
H11 GOL T . -13.41 -27.08 29.75
H12 GOL T . -11.92 -26.44 30.46
HO1 GOL T . -13.36 -24.81 29.80
H2 GOL T . -12.79 -26.74 32.72
HO2 GOL T . -15.07 -27.97 31.51
H31 GOL T . -13.27 -29.22 31.00
H32 GOL T . -11.68 -28.64 31.52
HO3 GOL T . -12.84 -30.28 32.89
C1 GOL U . -34.73 -10.12 42.27
O1 GOL U . -35.12 -8.77 42.47
C2 GOL U . -35.84 -10.95 41.64
O2 GOL U . -36.07 -10.49 40.33
C3 GOL U . -35.52 -12.44 41.60
O3 GOL U . -36.35 -13.06 40.63
H11 GOL U . -33.86 -10.14 41.62
H12 GOL U . -34.44 -10.56 43.23
HO1 GOL U . -34.39 -8.28 42.83
H2 GOL U . -36.75 -10.81 42.22
HO2 GOL U . -35.43 -10.89 39.72
H31 GOL U . -34.47 -12.58 41.36
H32 GOL U . -35.71 -12.89 42.58
HO3 GOL U . -36.45 -13.99 40.84
#